data_1V3V
#
_entry.id   1V3V
#
_cell.length_a   58.553
_cell.length_b   77.460
_cell.length_c   79.095
_cell.angle_alpha   90.00
_cell.angle_beta   102.29
_cell.angle_gamma   90.00
#
_symmetry.space_group_name_H-M   'P 1 21 1'
#
loop_
_entity.id
_entity.type
_entity.pdbx_description
1 polymer 'leukotriene b4 12-hydroxydehydrogenase/prostaglandin 15-keto reductase'
2 non-polymer 'CHLORIDE ION'
3 non-polymer 'NADP NICOTINAMIDE-ADENINE-DINUCLEOTIDE PHOSPHATE'
4 non-polymer '(5E,13E)-11-HYDROXY-9,15-DIOXOPROSTA-5,13-DIEN-1-OIC ACID'
5 water water
#
_entity_poly.entity_id   1
_entity_poly.type   'polypeptide(L)'
_entity_poly.pdbx_seq_one_letter_code
;SPEFMVKAKSWTLKKHFQGKPTQSDFELKTVELPPLKNGEVLLEALFLSVDPYMRIASKRLKEGAVMMGQQVARVVESKN
SAFPAGSIVLAQSGWTTHFISDGKGLEKLLTEWPDKLPLSLALGTIGMPGLTAYFGLLEVCGVKGGETVLVSAAAGAVGS
VVGQIAKLKGCKVVGAAGSDEKIAYLKQIGFDAAFNYKTVNSLEEALKKASPDGYDCYFDNVGGEFLNTVLSQMKDFGKI
AICGAISVYNRMDQLPPGPSPESIIYKQLRIEGFIVYRWQGDVREKALRDLMKWVLEGKIQYHEHVTKGFENMPAAFIEM
LNGANLGKAVVTA
;
_entity_poly.pdbx_strand_id   A,B
#
loop_
_chem_comp.id
_chem_comp.type
_chem_comp.name
_chem_comp.formula
5OP non-polymer '(5E,13E)-11-HYDROXY-9,15-DIOXOPROSTA-5,13-DIEN-1-OIC ACID' 'C20 H30 O5'
CL non-polymer 'CHLORIDE ION' 'Cl -1'
NAP non-polymer 'NADP NICOTINAMIDE-ADENINE-DINUCLEOTIDE PHOSPHATE' 'C21 H28 N7 O17 P3'
#
# COMPACT_ATOMS: atom_id res chain seq x y z
N SER A 1 38.51 -22.33 -41.94
CA SER A 1 38.20 -23.78 -42.05
C SER A 1 38.23 -24.52 -40.71
N PRO A 2 39.30 -24.33 -39.91
CA PRO A 2 39.38 -25.00 -38.60
C PRO A 2 38.20 -24.68 -37.69
N GLU A 3 37.54 -25.73 -37.22
CA GLU A 3 36.40 -25.60 -36.33
C GLU A 3 36.81 -26.00 -34.92
N PHE A 4 36.53 -25.15 -33.94
CA PHE A 4 36.88 -25.43 -32.56
C PHE A 4 35.65 -25.50 -31.67
N MET A 5 35.59 -26.56 -30.85
CA MET A 5 34.47 -26.79 -29.95
C MET A 5 34.40 -25.75 -28.83
N VAL A 6 33.20 -25.24 -28.58
CA VAL A 6 32.97 -24.26 -27.53
C VAL A 6 32.16 -24.91 -26.41
N LYS A 7 32.74 -24.96 -25.21
CA LYS A 7 32.08 -25.56 -24.06
C LYS A 7 31.40 -24.48 -23.23
N ALA A 8 30.11 -24.68 -22.97
CA ALA A 8 29.33 -23.73 -22.18
C ALA A 8 28.95 -24.31 -20.83
N LYS A 9 29.41 -23.67 -19.77
CA LYS A 9 29.09 -24.10 -18.42
C LYS A 9 27.90 -23.27 -17.94
N SER A 10 26.94 -23.92 -17.30
CA SER A 10 25.76 -23.26 -16.80
C SER A 10 25.43 -23.67 -15.37
N TRP A 11 24.88 -22.73 -14.60
CA TRP A 11 24.48 -23.03 -13.23
C TRP A 11 23.00 -23.36 -13.21
N THR A 12 22.68 -24.56 -12.75
CA THR A 12 21.30 -25.01 -12.68
C THR A 12 20.81 -25.05 -11.24
N LEU A 13 19.49 -25.01 -11.08
CA LEU A 13 18.85 -25.07 -9.78
C LEU A 13 18.64 -26.56 -9.48
N LYS A 14 19.49 -27.12 -8.63
CA LYS A 14 19.39 -28.53 -8.25
C LYS A 14 18.16 -28.77 -7.37
N LYS A 15 17.99 -27.91 -6.37
CA LYS A 15 16.87 -28.03 -5.44
C LYS A 15 16.31 -26.66 -5.07
N HIS A 16 14.98 -26.55 -5.08
CA HIS A 16 14.31 -25.30 -4.73
C HIS A 16 14.77 -24.82 -3.36
N PHE A 17 14.90 -23.51 -3.23
CA PHE A 17 15.36 -22.91 -1.98
C PHE A 17 14.40 -23.06 -0.81
N GLN A 18 14.95 -23.45 0.33
CA GLN A 18 14.18 -23.61 1.56
C GLN A 18 14.85 -22.65 2.54
N GLY A 19 14.21 -21.50 2.77
CA GLY A 19 14.78 -20.50 3.64
C GLY A 19 15.90 -19.84 2.85
N LYS A 20 17.08 -19.76 3.44
CA LYS A 20 18.23 -19.16 2.76
C LYS A 20 18.80 -20.12 1.73
N PRO A 21 19.08 -19.63 0.51
CA PRO A 21 19.65 -20.50 -0.54
C PRO A 21 21.05 -20.94 -0.12
N THR A 22 21.43 -22.17 -0.46
CA THR A 22 22.76 -22.69 -0.12
C THR A 22 23.42 -23.29 -1.35
N GLN A 23 24.76 -23.37 -1.30
CA GLN A 23 25.56 -23.91 -2.39
C GLN A 23 25.03 -25.21 -2.99
N SER A 24 24.61 -26.13 -2.13
CA SER A 24 24.08 -27.43 -2.57
C SER A 24 22.81 -27.35 -3.41
N ASP A 25 22.11 -26.22 -3.33
CA ASP A 25 20.89 -26.01 -4.10
C ASP A 25 21.21 -25.77 -5.57
N PHE A 26 22.50 -25.65 -5.87
CA PHE A 26 22.96 -25.39 -7.23
C PHE A 26 23.81 -26.54 -7.76
N GLU A 27 23.82 -26.68 -9.09
CA GLU A 27 24.58 -27.72 -9.76
C GLU A 27 25.13 -27.23 -11.10
N LEU A 28 26.45 -27.29 -11.23
CA LEU A 28 27.14 -26.87 -12.44
C LEU A 28 26.99 -27.92 -13.54
N LYS A 29 26.80 -27.46 -14.76
CA LYS A 29 26.64 -28.34 -15.91
C LYS A 29 27.42 -27.79 -17.09
N THR A 30 27.93 -28.68 -17.94
CA THR A 30 28.70 -28.30 -19.12
C THR A 30 28.08 -28.96 -20.36
N VAL A 31 27.93 -28.19 -21.44
CA VAL A 31 27.36 -28.69 -22.68
C VAL A 31 28.11 -28.18 -23.91
N GLU A 32 28.36 -29.09 -24.86
CA GLU A 32 29.05 -28.71 -26.09
C GLU A 32 28.05 -28.01 -27.00
N LEU A 33 28.35 -26.75 -27.32
CA LEU A 33 27.47 -25.96 -28.16
C LEU A 33 27.57 -26.36 -29.64
N PRO A 34 26.41 -26.41 -30.33
CA PRO A 34 26.37 -26.77 -31.74
C PRO A 34 26.81 -25.58 -32.59
N PRO A 35 27.11 -25.82 -33.88
CA PRO A 35 27.54 -24.75 -34.79
C PRO A 35 26.49 -23.64 -34.93
N LEU A 36 26.95 -22.44 -35.27
CA LEU A 36 26.07 -21.31 -35.47
C LEU A 36 25.36 -21.42 -36.81
N LYS A 37 24.06 -21.13 -36.81
CA LYS A 37 23.28 -21.15 -38.03
C LYS A 37 23.17 -19.70 -38.48
N ASN A 38 22.66 -19.47 -39.69
CA ASN A 38 22.51 -18.11 -40.18
C ASN A 38 21.52 -17.35 -39.32
N GLY A 39 21.86 -16.11 -39.00
CA GLY A 39 20.99 -15.28 -38.17
C GLY A 39 21.28 -15.43 -36.69
N GLU A 40 22.22 -16.30 -36.34
CA GLU A 40 22.55 -16.52 -34.93
C GLU A 40 23.90 -15.93 -34.57
N VAL A 41 24.13 -15.80 -33.27
CA VAL A 41 25.38 -15.29 -32.73
C VAL A 41 25.81 -16.12 -31.52
N LEU A 42 27.11 -16.23 -31.31
CA LEU A 42 27.66 -16.96 -30.17
C LEU A 42 28.15 -15.90 -29.20
N LEU A 43 27.60 -15.92 -27.99
CA LEU A 43 27.98 -14.97 -26.95
C LEU A 43 28.87 -15.56 -25.89
N GLU A 44 29.79 -14.76 -25.39
CA GLU A 44 30.70 -15.17 -24.32
C GLU A 44 30.54 -14.19 -23.16
N ALA A 45 30.07 -14.70 -22.03
CA ALA A 45 29.85 -13.88 -20.84
C ALA A 45 31.08 -13.14 -20.36
N LEU A 46 30.91 -11.85 -20.08
CA LEU A 46 31.99 -11.02 -19.56
C LEU A 46 31.70 -10.71 -18.10
N PHE A 47 30.47 -10.28 -17.83
CA PHE A 47 30.03 -9.93 -16.48
C PHE A 47 28.62 -10.45 -16.31
N LEU A 48 28.37 -11.14 -15.21
CA LEU A 48 27.05 -11.71 -14.93
C LEU A 48 26.49 -11.11 -13.66
N SER A 49 25.21 -10.76 -13.69
CA SER A 49 24.54 -10.17 -12.55
C SER A 49 23.81 -11.21 -11.69
N VAL A 50 23.76 -10.94 -10.39
CA VAL A 50 23.01 -11.75 -9.44
C VAL A 50 22.09 -10.69 -8.82
N ASP A 51 20.80 -11.00 -8.76
CA ASP A 51 19.83 -10.05 -8.24
C ASP A 51 18.84 -10.66 -7.27
N PRO A 52 18.30 -9.85 -6.36
CA PRO A 52 17.32 -10.32 -5.37
C PRO A 52 16.12 -11.03 -5.99
N TYR A 53 15.65 -10.56 -7.15
CA TYR A 53 14.50 -11.17 -7.80
C TYR A 53 14.68 -12.65 -8.11
N MET A 54 15.92 -13.09 -8.27
CA MET A 54 16.21 -14.49 -8.57
C MET A 54 15.72 -15.43 -7.48
N ARG A 55 15.60 -14.91 -6.25
CA ARG A 55 15.12 -15.70 -5.12
C ARG A 55 13.64 -16.07 -5.31
N ILE A 56 12.85 -15.15 -5.85
CA ILE A 56 11.42 -15.38 -6.08
C ILE A 56 11.18 -16.05 -7.42
N ALA A 57 11.84 -15.57 -8.47
CA ALA A 57 11.69 -16.13 -9.81
C ALA A 57 12.08 -17.61 -9.89
N SER A 58 13.01 -18.03 -9.03
CA SER A 58 13.48 -19.42 -9.03
C SER A 58 12.38 -20.41 -8.67
N LYS A 59 11.31 -19.92 -8.05
CA LYS A 59 10.18 -20.75 -7.65
C LYS A 59 9.37 -21.29 -8.84
N ARG A 60 9.28 -20.51 -9.91
CA ARG A 60 8.57 -20.92 -11.12
C ARG A 60 9.47 -21.74 -12.05
N LEU A 61 10.65 -22.10 -11.55
CA LEU A 61 11.63 -22.84 -12.31
C LEU A 61 11.57 -24.33 -12.01
N LYS A 62 11.72 -25.16 -13.04
CA LYS A 62 11.72 -26.61 -12.85
C LYS A 62 13.12 -27.00 -12.41
N GLU A 63 13.24 -27.84 -11.37
CA GLU A 63 14.54 -28.25 -10.88
C GLU A 63 15.38 -28.90 -11.97
N GLY A 64 16.57 -28.34 -12.19
CA GLY A 64 17.46 -28.83 -13.23
C GLY A 64 17.68 -27.78 -14.29
N ALA A 65 16.76 -26.82 -14.40
CA ALA A 65 16.87 -25.75 -15.38
C ALA A 65 17.93 -24.72 -14.96
N VAL A 66 18.43 -23.97 -15.94
CA VAL A 66 19.44 -22.95 -15.67
C VAL A 66 18.84 -21.73 -14.98
N MET A 67 19.56 -21.22 -13.99
CA MET A 67 19.12 -20.04 -13.25
C MET A 67 18.97 -18.86 -14.21
N MET A 68 17.92 -18.06 -14.02
CA MET A 68 17.68 -16.90 -14.87
C MET A 68 18.57 -15.72 -14.50
N GLY A 69 18.77 -14.81 -15.45
CA GLY A 69 19.59 -13.64 -15.19
C GLY A 69 20.13 -12.94 -16.42
N GLN A 70 20.54 -11.69 -16.24
CA GLN A 70 21.10 -10.88 -17.31
C GLN A 70 22.61 -10.82 -17.18
N GLN A 71 23.28 -10.59 -18.31
CA GLN A 71 24.73 -10.49 -18.33
C GLN A 71 25.20 -9.60 -19.47
N VAL A 72 26.45 -9.16 -19.36
CA VAL A 72 27.07 -8.37 -20.42
C VAL A 72 27.93 -9.42 -21.10
N ALA A 73 27.77 -9.54 -22.41
CA ALA A 73 28.51 -10.54 -23.17
C ALA A 73 29.07 -9.96 -24.47
N ARG A 74 30.16 -10.57 -24.95
CA ARG A 74 30.80 -10.17 -26.19
C ARG A 74 30.39 -11.15 -27.27
N VAL A 75 30.08 -10.63 -28.45
CA VAL A 75 29.71 -11.47 -29.58
C VAL A 75 31.03 -12.03 -30.12
N VAL A 76 31.30 -13.29 -29.86
CA VAL A 76 32.55 -13.90 -30.31
C VAL A 76 32.47 -14.31 -31.77
N GLU A 77 31.31 -14.82 -32.19
CA GLU A 77 31.09 -15.23 -33.57
C GLU A 77 29.72 -14.73 -33.96
N SER A 78 29.55 -14.31 -35.22
CA SER A 78 28.27 -13.80 -35.66
C SER A 78 27.85 -14.11 -37.08
N LYS A 79 26.60 -14.49 -37.23
CA LYS A 79 25.99 -14.75 -38.53
C LYS A 79 24.71 -13.91 -38.55
N ASN A 80 24.74 -12.82 -37.77
CA ASN A 80 23.63 -11.88 -37.65
C ASN A 80 24.23 -10.49 -37.81
N SER A 81 23.90 -9.83 -38.93
CA SER A 81 24.44 -8.50 -39.24
C SER A 81 24.15 -7.38 -38.23
N ALA A 82 23.13 -7.56 -37.40
CA ALA A 82 22.79 -6.54 -36.40
C ALA A 82 23.72 -6.58 -35.20
N PHE A 83 24.34 -7.75 -34.97
CA PHE A 83 25.23 -7.96 -33.85
C PHE A 83 26.57 -8.48 -34.36
N PRO A 84 27.45 -7.58 -34.86
CA PRO A 84 28.76 -7.96 -35.39
C PRO A 84 29.67 -8.58 -34.33
N ALA A 85 30.59 -9.42 -34.78
CA ALA A 85 31.55 -10.05 -33.86
C ALA A 85 32.31 -8.92 -33.18
N GLY A 86 32.52 -9.05 -31.88
CA GLY A 86 33.24 -8.03 -31.14
C GLY A 86 32.35 -7.02 -30.42
N SER A 87 31.09 -6.92 -30.82
CA SER A 87 30.18 -5.98 -30.17
C SER A 87 29.73 -6.49 -28.82
N ILE A 88 29.33 -5.57 -27.94
CA ILE A 88 28.89 -5.93 -26.60
C ILE A 88 27.38 -5.86 -26.51
N VAL A 89 26.78 -6.88 -25.88
CA VAL A 89 25.33 -6.90 -25.72
C VAL A 89 24.92 -7.28 -24.31
N LEU A 90 23.68 -6.96 -23.98
CA LEU A 90 23.07 -7.29 -22.71
C LEU A 90 22.16 -8.46 -23.08
N ALA A 91 22.31 -9.58 -22.39
CA ALA A 91 21.50 -10.75 -22.70
C ALA A 91 20.89 -11.40 -21.47
N GLN A 92 19.64 -11.85 -21.59
CA GLN A 92 18.94 -12.54 -20.51
C GLN A 92 19.20 -14.04 -20.71
N SER A 93 20.48 -14.36 -20.90
CA SER A 93 20.92 -15.72 -21.15
C SER A 93 20.98 -16.65 -19.94
N GLY A 94 20.78 -16.09 -18.75
CA GLY A 94 20.85 -16.90 -17.55
C GLY A 94 22.28 -17.06 -17.08
N TRP A 95 22.49 -17.88 -16.07
CA TRP A 95 23.82 -18.12 -15.51
C TRP A 95 24.60 -19.09 -16.39
N THR A 96 25.19 -18.56 -17.46
CA THR A 96 25.96 -19.39 -18.39
C THR A 96 27.16 -18.63 -18.96
N THR A 97 28.22 -19.38 -19.27
CA THR A 97 29.46 -18.82 -19.81
C THR A 97 29.39 -18.49 -21.30
N HIS A 98 28.62 -19.29 -22.04
CA HIS A 98 28.45 -19.10 -23.49
C HIS A 98 26.98 -19.33 -23.82
N PHE A 99 26.48 -18.64 -24.84
CA PHE A 99 25.08 -18.77 -25.22
C PHE A 99 24.85 -18.43 -26.70
N ILE A 100 24.08 -19.27 -27.38
CA ILE A 100 23.75 -19.04 -28.78
C ILE A 100 22.40 -18.35 -28.84
N SER A 101 22.35 -17.22 -29.54
CA SER A 101 21.13 -16.43 -29.66
C SER A 101 20.81 -16.04 -31.11
N ASP A 102 19.52 -15.93 -31.43
CA ASP A 102 19.11 -15.51 -32.76
C ASP A 102 18.92 -13.99 -32.77
N GLY A 103 19.32 -13.36 -31.67
CA GLY A 103 19.22 -11.92 -31.55
C GLY A 103 17.94 -11.37 -30.94
N LYS A 104 16.95 -12.22 -30.68
CA LYS A 104 15.66 -11.78 -30.14
C LYS A 104 15.68 -10.89 -28.90
N GLY A 105 16.06 -11.44 -27.76
CA GLY A 105 16.06 -10.65 -26.54
C GLY A 105 17.31 -9.82 -26.27
N LEU A 106 18.24 -9.77 -27.21
CA LEU A 106 19.48 -9.03 -27.05
C LEU A 106 19.34 -7.51 -27.09
N GLU A 107 20.06 -6.84 -26.20
CA GLU A 107 20.02 -5.37 -26.12
C GLU A 107 21.44 -4.82 -26.27
N LYS A 108 21.59 -3.89 -27.22
CA LYS A 108 22.88 -3.26 -27.45
C LYS A 108 23.12 -2.24 -26.33
N LEU A 109 24.35 -2.15 -25.83
CA LEU A 109 24.66 -1.19 -24.78
C LEU A 109 24.52 0.22 -25.31
N LEU A 110 24.34 1.18 -24.40
CA LEU A 110 24.21 2.57 -24.77
C LEU A 110 25.33 2.97 -25.71
N THR A 111 24.97 3.66 -26.78
CA THR A 111 25.95 4.11 -27.76
C THR A 111 26.87 5.13 -27.10
N GLU A 112 28.10 5.22 -27.61
CA GLU A 112 29.11 6.14 -27.09
C GLU A 112 29.48 5.86 -25.64
N TRP A 113 29.55 4.57 -25.29
CA TRP A 113 29.90 4.17 -23.93
C TRP A 113 31.36 4.59 -23.69
N PRO A 114 31.62 5.35 -22.61
CA PRO A 114 32.96 5.82 -22.26
C PRO A 114 33.91 4.68 -21.87
N ASP A 115 35.14 4.74 -22.38
CA ASP A 115 36.16 3.73 -22.08
C ASP A 115 36.45 3.63 -20.59
N LYS A 116 36.39 4.77 -19.89
CA LYS A 116 36.66 4.82 -18.46
C LYS A 116 35.64 4.07 -17.61
N LEU A 117 34.42 3.90 -18.12
CA LEU A 117 33.38 3.21 -17.36
C LEU A 117 33.32 1.72 -17.65
N PRO A 118 33.45 0.89 -16.59
CA PRO A 118 33.40 -0.55 -16.78
C PRO A 118 32.05 -0.97 -17.36
N LEU A 119 32.09 -1.93 -18.29
CA LEU A 119 30.88 -2.42 -18.96
C LEU A 119 29.86 -2.99 -17.99
N SER A 120 30.33 -3.50 -16.85
CA SER A 120 29.44 -4.07 -15.85
C SER A 120 28.44 -3.05 -15.28
N LEU A 121 28.74 -1.76 -15.44
CA LEU A 121 27.81 -0.73 -14.98
C LEU A 121 26.47 -0.84 -15.71
N ALA A 122 26.51 -1.46 -16.89
CA ALA A 122 25.30 -1.67 -17.69
C ALA A 122 24.34 -2.64 -17.00
N LEU A 123 24.81 -3.27 -15.92
CA LEU A 123 24.01 -4.22 -15.15
C LEU A 123 23.58 -3.62 -13.80
N GLY A 124 24.05 -2.41 -13.51
CA GLY A 124 23.73 -1.78 -12.24
C GLY A 124 23.28 -0.34 -12.33
N THR A 125 24.18 0.56 -11.96
CA THR A 125 23.92 2.00 -11.97
C THR A 125 23.41 2.51 -13.32
N ILE A 126 24.03 2.08 -14.41
CA ILE A 126 23.59 2.49 -15.73
C ILE A 126 22.89 1.30 -16.38
N GLY A 127 21.99 0.69 -15.59
CA GLY A 127 21.24 -0.46 -16.05
C GLY A 127 19.93 -0.61 -15.31
N MET A 128 19.41 -1.83 -15.25
CA MET A 128 18.13 -2.09 -14.60
C MET A 128 18.00 -1.55 -13.16
N PRO A 129 18.99 -1.81 -12.28
CA PRO A 129 18.85 -1.29 -10.92
C PRO A 129 18.82 0.24 -10.87
N GLY A 130 19.64 0.86 -11.73
CA GLY A 130 19.69 2.31 -11.80
C GLY A 130 18.40 2.88 -12.36
N LEU A 131 17.80 2.16 -13.32
CA LEU A 131 16.54 2.57 -13.92
C LEU A 131 15.41 2.42 -12.88
N THR A 132 15.51 1.37 -12.08
CA THR A 132 14.53 1.10 -11.02
C THR A 132 14.54 2.29 -10.06
N ALA A 133 15.74 2.67 -9.64
CA ALA A 133 15.91 3.78 -8.71
C ALA A 133 15.36 5.08 -9.32
N TYR A 134 15.70 5.30 -10.59
CA TYR A 134 15.29 6.49 -11.33
C TYR A 134 13.77 6.66 -11.36
N PHE A 135 13.08 5.65 -11.87
CA PHE A 135 11.63 5.71 -11.97
C PHE A 135 10.87 5.63 -10.65
N GLY A 136 11.38 4.88 -9.69
CA GLY A 136 10.72 4.79 -8.40
C GLY A 136 10.77 6.10 -7.65
N LEU A 137 11.91 6.76 -7.71
CA LEU A 137 12.12 8.04 -7.04
C LEU A 137 11.43 9.18 -7.80
N LEU A 138 11.81 9.34 -9.06
CA LEU A 138 11.28 10.41 -9.89
C LEU A 138 9.82 10.31 -10.32
N GLU A 139 9.33 9.10 -10.58
CA GLU A 139 7.95 8.94 -11.01
C GLU A 139 6.96 8.46 -9.96
N VAL A 140 7.31 7.38 -9.25
CA VAL A 140 6.41 6.85 -8.23
C VAL A 140 6.34 7.79 -7.03
N CYS A 141 7.48 8.13 -6.43
CA CYS A 141 7.49 9.05 -5.30
C CYS A 141 7.25 10.47 -5.80
N GLY A 142 7.69 10.73 -7.03
CA GLY A 142 7.52 12.03 -7.65
C GLY A 142 8.15 13.22 -6.94
N VAL A 143 9.37 13.06 -6.43
CA VAL A 143 10.06 14.15 -5.74
C VAL A 143 10.33 15.32 -6.69
N LYS A 144 10.17 16.54 -6.19
CA LYS A 144 10.37 17.74 -7.01
C LYS A 144 11.44 18.68 -6.46
N GLY A 145 11.90 18.43 -5.24
CA GLY A 145 12.91 19.26 -4.62
C GLY A 145 12.50 19.74 -3.23
N GLY A 146 13.37 19.55 -2.25
CA GLY A 146 13.07 19.96 -0.88
C GLY A 146 12.50 18.89 0.04
N GLU A 147 12.02 17.80 -0.54
CA GLU A 147 11.44 16.71 0.23
C GLU A 147 12.49 15.85 0.95
N THR A 148 12.05 15.09 1.94
CA THR A 148 12.93 14.20 2.69
C THR A 148 12.61 12.76 2.29
N VAL A 149 13.61 12.08 1.73
CA VAL A 149 13.46 10.70 1.27
C VAL A 149 14.15 9.68 2.16
N LEU A 150 13.47 8.57 2.43
CA LEU A 150 14.04 7.48 3.22
C LEU A 150 14.22 6.33 2.24
N VAL A 151 15.36 5.65 2.29
CA VAL A 151 15.59 4.51 1.40
C VAL A 151 16.28 3.38 2.15
N SER A 152 15.68 2.20 2.08
CA SER A 152 16.20 1.00 2.73
C SER A 152 17.17 0.31 1.76
N ALA A 153 17.98 -0.63 2.26
CA ALA A 153 18.99 -1.31 1.43
C ALA A 153 19.75 -0.20 0.70
N ALA A 154 19.98 0.89 1.43
CA ALA A 154 20.63 2.09 0.91
C ALA A 154 22.01 1.94 0.28
N ALA A 155 22.82 0.99 0.76
CA ALA A 155 24.15 0.79 0.18
C ALA A 155 24.14 -0.24 -0.94
N GLY A 156 22.94 -0.64 -1.35
CA GLY A 156 22.78 -1.60 -2.41
C GLY A 156 22.73 -0.95 -3.79
N ALA A 157 22.57 -1.77 -4.81
CA ALA A 157 22.52 -1.30 -6.19
C ALA A 157 21.46 -0.23 -6.45
N VAL A 158 20.21 -0.54 -6.11
CA VAL A 158 19.12 0.40 -6.31
C VAL A 158 19.21 1.56 -5.31
N GLY A 159 19.37 1.19 -4.04
CA GLY A 159 19.44 2.16 -2.96
C GLY A 159 20.47 3.26 -3.10
N SER A 160 21.68 2.90 -3.52
CA SER A 160 22.75 3.87 -3.67
C SER A 160 22.45 4.86 -4.78
N VAL A 161 21.73 4.41 -5.81
CA VAL A 161 21.37 5.28 -6.91
C VAL A 161 20.22 6.20 -6.47
N VAL A 162 19.27 5.65 -5.73
CA VAL A 162 18.12 6.41 -5.23
C VAL A 162 18.58 7.61 -4.41
N GLY A 163 19.48 7.35 -3.46
CA GLY A 163 19.97 8.40 -2.58
C GLY A 163 20.71 9.51 -3.31
N GLN A 164 21.53 9.15 -4.28
CA GLN A 164 22.30 10.13 -5.04
C GLN A 164 21.44 10.93 -6.00
N ILE A 165 20.43 10.30 -6.58
CA ILE A 165 19.55 11.03 -7.48
C ILE A 165 18.73 12.00 -6.62
N ALA A 166 18.30 11.54 -5.44
CA ALA A 166 17.54 12.38 -4.53
C ALA A 166 18.37 13.60 -4.15
N LYS A 167 19.66 13.39 -3.91
CA LYS A 167 20.55 14.49 -3.54
C LYS A 167 20.73 15.51 -4.65
N LEU A 168 20.91 15.04 -5.89
CA LEU A 168 21.10 15.95 -7.02
C LEU A 168 19.81 16.69 -7.38
N LYS A 169 18.67 16.17 -6.92
CA LYS A 169 17.37 16.80 -7.17
C LYS A 169 17.05 17.80 -6.05
N GLY A 170 17.94 17.90 -5.09
CA GLY A 170 17.76 18.83 -3.99
C GLY A 170 16.93 18.35 -2.83
N CYS A 171 16.90 17.03 -2.61
CA CYS A 171 16.13 16.45 -1.51
C CYS A 171 17.06 16.10 -0.36
N LYS A 172 16.48 15.88 0.81
CA LYS A 172 17.23 15.44 1.97
C LYS A 172 17.06 13.93 1.93
N VAL A 173 18.14 13.17 2.04
CA VAL A 173 18.02 11.71 2.02
C VAL A 173 18.60 11.01 3.23
N VAL A 174 17.81 10.07 3.74
CA VAL A 174 18.19 9.25 4.89
C VAL A 174 18.28 7.82 4.40
N GLY A 175 19.35 7.12 4.78
CA GLY A 175 19.50 5.75 4.35
C GLY A 175 19.66 4.72 5.46
N ALA A 176 19.15 3.52 5.20
CA ALA A 176 19.25 2.41 6.14
C ALA A 176 19.98 1.25 5.44
N ALA A 177 21.01 0.73 6.11
CA ALA A 177 21.80 -0.37 5.57
C ALA A 177 22.21 -1.29 6.73
N GLY A 178 22.78 -2.45 6.40
CA GLY A 178 23.14 -3.40 7.44
C GLY A 178 24.55 -3.55 7.99
N SER A 179 25.38 -2.52 7.86
CA SER A 179 26.74 -2.61 8.39
C SER A 179 27.33 -1.23 8.59
N ASP A 180 28.27 -1.12 9.54
CA ASP A 180 28.93 0.14 9.82
C ASP A 180 29.71 0.62 8.61
N GLU A 181 30.30 -0.32 7.86
CA GLU A 181 31.06 0.01 6.65
C GLU A 181 30.14 0.70 5.65
N LYS A 182 28.94 0.15 5.49
CA LYS A 182 27.95 0.69 4.57
C LYS A 182 27.51 2.10 4.97
N ILE A 183 27.28 2.30 6.27
CA ILE A 183 26.87 3.61 6.76
C ILE A 183 27.95 4.66 6.47
N ALA A 184 29.21 4.28 6.64
CA ALA A 184 30.33 5.19 6.39
C ALA A 184 30.34 5.55 4.90
N TYR A 185 30.09 4.54 4.06
CA TYR A 185 30.08 4.74 2.62
C TYR A 185 28.96 5.70 2.19
N LEU A 186 27.78 5.53 2.78
CA LEU A 186 26.63 6.38 2.47
C LEU A 186 26.91 7.84 2.79
N LYS A 187 27.53 8.10 3.94
CA LYS A 187 27.85 9.48 4.32
C LYS A 187 28.88 10.05 3.35
N GLN A 188 29.76 9.19 2.83
CA GLN A 188 30.79 9.60 1.87
C GLN A 188 30.15 10.07 0.56
N ILE A 189 29.15 9.34 0.09
CA ILE A 189 28.49 9.67 -1.16
C ILE A 189 27.38 10.73 -1.13
N GLY A 190 27.15 11.34 0.03
CA GLY A 190 26.14 12.38 0.09
C GLY A 190 24.88 12.24 0.93
N PHE A 191 24.63 11.06 1.49
CA PHE A 191 23.44 10.87 2.32
C PHE A 191 23.51 11.82 3.52
N ASP A 192 22.41 12.51 3.81
CA ASP A 192 22.35 13.45 4.93
C ASP A 192 22.44 12.73 6.27
N ALA A 193 21.90 11.52 6.30
CA ALA A 193 21.89 10.71 7.50
C ALA A 193 21.81 9.26 7.10
N ALA A 194 22.31 8.38 7.95
CA ALA A 194 22.28 6.95 7.68
C ALA A 194 22.49 6.19 8.98
N PHE A 195 21.86 5.04 9.10
CA PHE A 195 22.00 4.23 10.30
C PHE A 195 21.97 2.74 10.02
N ASN A 196 22.67 1.99 10.85
CA ASN A 196 22.74 0.53 10.74
C ASN A 196 21.44 0.00 11.34
N TYR A 197 20.55 -0.50 10.50
CA TYR A 197 19.27 -1.02 10.97
C TYR A 197 19.40 -2.23 11.90
N LYS A 198 20.53 -2.92 11.83
CA LYS A 198 20.75 -4.11 12.66
C LYS A 198 21.13 -3.81 14.11
N THR A 199 21.76 -2.65 14.32
CA THR A 199 22.23 -2.28 15.66
C THR A 199 21.47 -1.15 16.33
N VAL A 200 20.28 -0.82 15.83
CA VAL A 200 19.48 0.26 16.41
C VAL A 200 18.96 -0.14 17.78
N ASN A 201 18.82 0.84 18.68
CA ASN A 201 18.27 0.58 20.01
C ASN A 201 16.76 0.55 19.79
N SER A 202 16.31 1.44 18.92
CA SER A 202 14.90 1.60 18.55
C SER A 202 14.85 2.10 17.11
N LEU A 203 14.21 1.31 16.24
CA LEU A 203 14.06 1.67 14.83
C LEU A 203 13.35 3.02 14.75
N GLU A 204 12.27 3.14 15.51
CA GLU A 204 11.47 4.35 15.53
C GLU A 204 12.29 5.58 15.95
N GLU A 205 13.12 5.42 16.99
CA GLU A 205 13.96 6.52 17.47
C GLU A 205 15.03 6.88 16.44
N ALA A 206 15.55 5.88 15.73
CA ALA A 206 16.56 6.10 14.70
C ALA A 206 15.96 6.95 13.58
N LEU A 207 14.74 6.61 13.18
CA LEU A 207 14.03 7.34 12.13
C LEU A 207 13.67 8.75 12.57
N LYS A 208 13.29 8.88 13.84
CA LYS A 208 12.92 10.19 14.40
C LYS A 208 14.11 11.15 14.43
N LYS A 209 15.28 10.63 14.78
CA LYS A 209 16.50 11.44 14.83
C LYS A 209 16.91 11.85 13.42
N ALA A 210 16.90 10.89 12.50
CA ALA A 210 17.27 11.13 11.12
C ALA A 210 16.43 12.26 10.51
N SER A 211 15.13 12.24 10.76
CA SER A 211 14.25 13.28 10.25
C SER A 211 13.08 13.54 11.21
N PRO A 212 13.24 14.55 12.09
CA PRO A 212 12.22 14.92 13.07
C PRO A 212 10.87 15.35 12.50
N ASP A 213 10.86 15.93 11.31
CA ASP A 213 9.61 16.36 10.68
C ASP A 213 8.96 15.25 9.83
N GLY A 214 9.56 14.07 9.83
CA GLY A 214 9.01 12.96 9.06
C GLY A 214 9.55 12.79 7.66
N TYR A 215 8.92 11.89 6.90
CA TYR A 215 9.35 11.61 5.53
C TYR A 215 8.28 11.85 4.48
N ASP A 216 8.67 12.47 3.37
CA ASP A 216 7.77 12.75 2.26
C ASP A 216 7.61 11.49 1.41
N CYS A 217 8.71 10.78 1.25
CA CYS A 217 8.77 9.59 0.43
C CYS A 217 9.64 8.46 0.99
N TYR A 218 9.12 7.24 0.97
CA TYR A 218 9.90 6.08 1.42
C TYR A 218 10.04 5.11 0.25
N PHE A 219 11.28 4.95 -0.23
CA PHE A 219 11.59 4.03 -1.31
C PHE A 219 11.86 2.70 -0.61
N ASP A 220 10.86 1.83 -0.62
CA ASP A 220 10.95 0.53 0.06
C ASP A 220 11.58 -0.60 -0.73
N ASN A 221 12.74 -1.04 -0.27
CA ASN A 221 13.48 -2.14 -0.89
C ASN A 221 13.45 -3.39 -0.01
N VAL A 222 12.98 -3.24 1.22
CA VAL A 222 12.97 -4.35 2.17
C VAL A 222 11.62 -4.87 2.70
N GLY A 223 10.61 -4.00 2.79
CA GLY A 223 9.32 -4.43 3.29
C GLY A 223 9.35 -4.95 4.72
N GLY A 224 8.47 -5.91 5.01
CA GLY A 224 8.40 -6.51 6.33
C GLY A 224 8.23 -5.57 7.50
N GLU A 225 8.85 -5.93 8.63
CA GLU A 225 8.77 -5.16 9.86
C GLU A 225 9.32 -3.73 9.74
N PHE A 226 10.35 -3.55 8.90
CA PHE A 226 10.93 -2.23 8.71
C PHE A 226 9.87 -1.30 8.12
N LEU A 227 9.16 -1.78 7.09
CA LEU A 227 8.11 -0.99 6.45
C LEU A 227 7.04 -0.60 7.47
N ASN A 228 6.65 -1.56 8.31
CA ASN A 228 5.62 -1.33 9.33
C ASN A 228 5.98 -0.15 10.22
N THR A 229 7.24 -0.06 10.62
CA THR A 229 7.69 1.01 11.49
C THR A 229 7.79 2.35 10.77
N VAL A 230 8.15 2.32 9.48
CA VAL A 230 8.28 3.55 8.71
C VAL A 230 6.96 4.31 8.55
N LEU A 231 5.86 3.58 8.43
CA LEU A 231 4.54 4.19 8.27
C LEU A 231 4.19 5.22 9.34
N SER A 232 4.64 5.00 10.57
CA SER A 232 4.38 5.92 11.67
C SER A 232 5.17 7.21 11.55
N GLN A 233 6.22 7.19 10.73
CA GLN A 233 7.09 8.35 10.51
C GLN A 233 6.79 9.14 9.24
N MET A 234 5.87 8.64 8.43
CA MET A 234 5.51 9.32 7.18
C MET A 234 4.75 10.60 7.43
N LYS A 235 4.96 11.59 6.56
CA LYS A 235 4.23 12.85 6.66
C LYS A 235 2.84 12.59 6.07
N ASP A 236 1.87 13.43 6.40
CA ASP A 236 0.53 13.28 5.86
C ASP A 236 0.62 13.31 4.33
N PHE A 237 -0.12 12.42 3.68
CA PHE A 237 -0.12 12.29 2.22
C PHE A 237 1.23 11.81 1.69
N GLY A 238 2.04 11.22 2.57
CA GLY A 238 3.33 10.71 2.15
C GLY A 238 3.18 9.56 1.16
N LYS A 239 4.22 9.34 0.36
CA LYS A 239 4.22 8.29 -0.64
C LYS A 239 5.25 7.20 -0.35
N ILE A 240 4.82 5.95 -0.48
CA ILE A 240 5.70 4.81 -0.28
C ILE A 240 5.84 4.10 -1.62
N ALA A 241 7.07 4.02 -2.13
CA ALA A 241 7.31 3.34 -3.39
C ALA A 241 7.74 1.91 -3.07
N ILE A 242 6.85 0.96 -3.34
CA ILE A 242 7.15 -0.43 -3.08
C ILE A 242 7.96 -1.00 -4.24
N CYS A 243 9.27 -1.00 -4.07
CA CYS A 243 10.20 -1.51 -5.08
C CYS A 243 10.42 -3.01 -4.89
N GLY A 244 10.62 -3.40 -3.62
CA GLY A 244 10.84 -4.79 -3.29
C GLY A 244 10.62 -5.04 -1.81
N ALA A 245 10.80 -6.29 -1.37
CA ALA A 245 10.60 -6.66 0.04
C ALA A 245 11.54 -7.80 0.40
N ILE A 246 12.84 -7.57 0.22
CA ILE A 246 13.84 -8.60 0.48
C ILE A 246 13.83 -9.23 1.87
N SER A 247 13.32 -8.50 2.86
CA SER A 247 13.26 -9.03 4.23
C SER A 247 12.33 -10.23 4.36
N VAL A 248 11.49 -10.46 3.35
CA VAL A 248 10.55 -11.59 3.37
C VAL A 248 10.73 -12.58 2.22
N TYR A 249 11.76 -12.39 1.39
CA TYR A 249 12.00 -13.28 0.25
C TYR A 249 12.31 -14.73 0.64
N ASN A 250 12.84 -14.93 1.85
CA ASN A 250 13.14 -16.28 2.32
C ASN A 250 12.02 -16.86 3.16
N ARG A 251 10.93 -16.11 3.33
CA ARG A 251 9.80 -16.55 4.13
C ARG A 251 8.46 -16.12 3.54
N MET A 252 8.32 -16.27 2.22
CA MET A 252 7.08 -15.90 1.54
C MET A 252 5.85 -16.67 2.02
N ASP A 253 6.09 -17.75 2.76
CA ASP A 253 5.01 -18.59 3.30
C ASP A 253 4.73 -18.31 4.78
N GLN A 254 5.48 -17.37 5.34
CA GLN A 254 5.32 -16.97 6.74
C GLN A 254 5.51 -15.47 6.83
N LEU A 255 4.69 -14.73 6.09
CA LEU A 255 4.77 -13.27 6.10
C LEU A 255 4.53 -12.74 7.51
N PRO A 256 5.38 -11.82 7.97
CA PRO A 256 5.29 -11.21 9.30
C PRO A 256 4.02 -10.37 9.45
N PRO A 257 3.72 -9.92 10.68
CA PRO A 257 2.53 -9.11 10.93
C PRO A 257 2.50 -7.93 9.96
N GLY A 258 1.31 -7.63 9.46
CA GLY A 258 1.14 -6.57 8.49
C GLY A 258 1.23 -5.14 8.98
N PRO A 259 1.05 -4.17 8.06
CA PRO A 259 1.10 -2.74 8.35
C PRO A 259 -0.13 -2.30 9.12
N SER A 260 0.03 -1.28 9.95
CA SER A 260 -1.08 -0.76 10.73
C SER A 260 -1.98 0.11 9.87
N PRO A 261 -3.30 -0.16 9.92
CA PRO A 261 -4.29 0.61 9.16
C PRO A 261 -4.33 2.04 9.69
N GLU A 262 -4.04 2.17 10.98
CA GLU A 262 -4.04 3.46 11.66
C GLU A 262 -3.20 4.50 10.93
N SER A 263 -1.94 4.20 10.71
CA SER A 263 -1.02 5.11 10.03
C SER A 263 -1.43 5.36 8.58
N ILE A 264 -1.81 4.29 7.89
CA ILE A 264 -2.22 4.40 6.49
C ILE A 264 -3.45 5.29 6.32
N ILE A 265 -4.44 5.11 7.19
CA ILE A 265 -5.69 5.87 7.13
C ILE A 265 -5.56 7.30 7.67
N TYR A 266 -5.13 7.44 8.92
CA TYR A 266 -5.01 8.76 9.54
C TYR A 266 -4.02 9.69 8.86
N LYS A 267 -2.94 9.13 8.31
CA LYS A 267 -1.94 9.94 7.61
C LYS A 267 -2.23 9.99 6.10
N GLN A 268 -3.28 9.26 5.69
CA GLN A 268 -3.71 9.21 4.29
C GLN A 268 -2.55 8.95 3.33
N LEU A 269 -1.84 7.86 3.58
CA LEU A 269 -0.68 7.47 2.78
C LEU A 269 -1.03 6.81 1.46
N ARG A 270 -0.12 6.97 0.50
CA ARG A 270 -0.27 6.39 -0.83
C ARG A 270 0.86 5.38 -1.01
N ILE A 271 0.50 4.12 -1.17
CA ILE A 271 1.47 3.03 -1.33
C ILE A 271 1.31 2.48 -2.74
N GLU A 272 2.40 2.41 -3.49
CA GLU A 272 2.33 1.92 -4.87
C GLU A 272 3.47 1.00 -5.29
N GLY A 273 3.10 -0.14 -5.87
CA GLY A 273 4.08 -1.09 -6.35
C GLY A 273 4.46 -0.72 -7.78
N PHE A 274 5.67 -1.09 -8.20
CA PHE A 274 6.10 -0.78 -9.56
C PHE A 274 7.20 -1.73 -10.02
N ILE A 275 7.29 -1.90 -11.33
CA ILE A 275 8.33 -2.74 -11.95
C ILE A 275 9.01 -1.87 -13.00
N VAL A 276 10.34 -1.93 -13.04
N VAL A 276 10.32 -2.02 -13.15
CA VAL A 276 11.15 -1.14 -13.96
CA VAL A 276 11.09 -1.24 -14.13
C VAL A 276 10.65 -1.14 -15.40
C VAL A 276 10.56 -1.42 -15.55
N TYR A 277 10.18 -2.30 -15.82
N TYR A 277 10.00 -2.60 -15.81
CA TYR A 277 9.69 -2.52 -17.17
CA TYR A 277 9.44 -2.95 -17.12
C TYR A 277 8.45 -1.72 -17.59
C TYR A 277 8.41 -1.96 -17.65
N ARG A 278 7.85 -0.97 -16.66
N ARG A 278 7.72 -1.25 -16.75
CA ARG A 278 6.68 -0.17 -16.99
CA ARG A 278 6.69 -0.29 -17.16
C ARG A 278 7.09 0.97 -17.91
C ARG A 278 7.19 0.80 -18.12
N TRP A 279 8.37 1.34 -17.83
CA TRP A 279 8.94 2.40 -18.66
C TRP A 279 9.79 1.85 -19.80
N GLN A 280 9.38 2.17 -21.02
CA GLN A 280 10.09 1.70 -22.21
C GLN A 280 10.27 2.79 -23.26
N GLY A 281 10.86 2.41 -24.39
CA GLY A 281 11.08 3.33 -25.48
C GLY A 281 11.94 4.54 -25.14
N ASP A 282 11.51 5.69 -25.64
CA ASP A 282 12.23 6.95 -25.45
C ASP A 282 12.42 7.36 -24.00
N VAL A 283 11.40 7.17 -23.17
CA VAL A 283 11.50 7.54 -21.76
C VAL A 283 12.57 6.70 -21.05
N ARG A 284 12.68 5.43 -21.44
CA ARG A 284 13.67 4.54 -20.86
C ARG A 284 15.07 4.93 -21.34
N GLU A 285 15.19 5.29 -22.61
CA GLU A 285 16.48 5.69 -23.17
C GLU A 285 16.96 6.99 -22.53
N LYS A 286 16.03 7.93 -22.33
CA LYS A 286 16.37 9.21 -21.71
C LYS A 286 16.88 8.98 -20.27
N ALA A 287 16.27 8.02 -19.59
CA ALA A 287 16.66 7.68 -18.22
C ALA A 287 18.09 7.13 -18.22
N LEU A 288 18.40 6.24 -19.16
CA LEU A 288 19.75 5.68 -19.27
C LEU A 288 20.75 6.79 -19.57
N ARG A 289 20.39 7.69 -20.49
CA ARG A 289 21.24 8.82 -20.85
C ARG A 289 21.50 9.72 -19.63
N ASP A 290 20.46 9.93 -18.84
CA ASP A 290 20.57 10.75 -17.63
C ASP A 290 21.51 10.11 -16.61
N LEU A 291 21.32 8.81 -16.39
CA LEU A 291 22.16 8.05 -15.46
C LEU A 291 23.62 8.13 -15.91
N MET A 292 23.85 7.92 -17.20
CA MET A 292 25.19 7.99 -17.78
C MET A 292 25.77 9.38 -17.53
N LYS A 293 24.99 10.41 -17.89
CA LYS A 293 25.40 11.80 -17.73
C LYS A 293 25.77 12.10 -16.28
N TRP A 294 24.89 11.73 -15.35
CA TRP A 294 25.13 11.95 -13.92
C TRP A 294 26.36 11.24 -13.39
N VAL A 295 26.68 10.08 -13.97
CA VAL A 295 27.87 9.35 -13.57
C VAL A 295 29.08 10.13 -14.08
N LEU A 296 29.04 10.56 -15.34
CA LEU A 296 30.13 11.31 -15.94
C LEU A 296 30.34 12.67 -15.28
N GLU A 297 29.27 13.25 -14.76
CA GLU A 297 29.32 14.54 -14.08
C GLU A 297 29.77 14.42 -12.63
N GLY A 298 29.89 13.19 -12.15
CA GLY A 298 30.31 12.97 -10.78
C GLY A 298 29.17 13.03 -9.76
N LYS A 299 27.95 13.27 -10.23
CA LYS A 299 26.80 13.35 -9.35
C LYS A 299 26.41 11.99 -8.77
N ILE A 300 26.65 10.93 -9.53
CA ILE A 300 26.35 9.58 -9.06
C ILE A 300 27.62 8.75 -9.04
N GLN A 301 28.13 8.53 -7.84
CA GLN A 301 29.34 7.73 -7.67
C GLN A 301 28.88 6.28 -7.62
N TYR A 302 29.79 5.35 -7.87
CA TYR A 302 29.42 3.95 -7.84
C TYR A 302 30.50 3.07 -7.25
N HIS A 303 30.10 1.86 -6.88
CA HIS A 303 31.00 0.86 -6.36
C HIS A 303 30.38 -0.47 -6.68
N GLU A 304 31.22 -1.39 -7.15
CA GLU A 304 30.78 -2.72 -7.52
C GLU A 304 31.38 -3.74 -6.57
N HIS A 305 30.56 -4.71 -6.17
CA HIS A 305 30.99 -5.79 -5.29
C HIS A 305 31.25 -6.95 -6.24
N VAL A 306 32.49 -7.06 -6.68
CA VAL A 306 32.90 -8.08 -7.64
C VAL A 306 33.32 -9.42 -7.07
N THR A 307 32.78 -10.50 -7.65
CA THR A 307 33.11 -11.86 -7.28
C THR A 307 33.78 -12.43 -8.52
N LYS A 308 35.04 -12.87 -8.37
CA LYS A 308 35.82 -13.41 -9.48
C LYS A 308 35.53 -14.87 -9.83
N GLY A 309 35.22 -15.12 -11.10
CA GLY A 309 34.97 -16.47 -11.57
C GLY A 309 33.54 -16.96 -11.61
N PHE A 310 33.18 -17.54 -12.75
CA PHE A 310 31.85 -18.08 -12.97
C PHE A 310 31.49 -19.19 -11.99
N GLU A 311 32.48 -20.01 -11.62
CA GLU A 311 32.25 -21.10 -10.68
C GLU A 311 31.87 -20.62 -9.27
N ASN A 312 31.98 -19.32 -9.04
CA ASN A 312 31.66 -18.72 -7.74
C ASN A 312 30.36 -17.90 -7.76
N MET A 313 29.60 -18.04 -8.84
CA MET A 313 28.35 -17.30 -8.99
C MET A 313 27.30 -17.62 -7.92
N PRO A 314 27.13 -18.90 -7.56
CA PRO A 314 26.13 -19.21 -6.53
C PRO A 314 26.45 -18.47 -5.23
N ALA A 315 27.74 -18.46 -4.87
CA ALA A 315 28.21 -17.79 -3.66
C ALA A 315 27.96 -16.29 -3.72
N ALA A 316 28.21 -15.68 -4.87
CA ALA A 316 27.98 -14.25 -5.06
C ALA A 316 26.50 -13.91 -4.84
N PHE A 317 25.62 -14.79 -5.31
CA PHE A 317 24.18 -14.63 -5.18
C PHE A 317 23.76 -14.75 -3.71
N ILE A 318 24.16 -15.87 -3.10
CA ILE A 318 23.84 -16.16 -1.69
C ILE A 318 24.29 -15.03 -0.77
N GLU A 319 25.55 -14.62 -0.92
CA GLU A 319 26.13 -13.56 -0.11
C GLU A 319 25.46 -12.20 -0.34
N MET A 320 25.04 -11.93 -1.57
CA MET A 320 24.36 -10.67 -1.86
C MET A 320 23.04 -10.65 -1.08
N LEU A 321 22.31 -11.76 -1.11
CA LEU A 321 21.05 -11.86 -0.38
C LEU A 321 21.26 -11.67 1.12
N ASN A 322 22.45 -12.03 1.60
CA ASN A 322 22.80 -11.92 3.00
C ASN A 322 23.40 -10.56 3.35
N GLY A 323 23.58 -9.70 2.34
CA GLY A 323 24.13 -8.37 2.57
C GLY A 323 25.64 -8.19 2.55
N ALA A 324 26.36 -9.09 1.89
CA ALA A 324 27.81 -8.96 1.83
C ALA A 324 28.24 -7.84 0.88
N ASN A 325 27.39 -7.55 -0.09
CA ASN A 325 27.68 -6.56 -1.10
C ASN A 325 27.45 -5.08 -0.81
N LEU A 326 28.44 -4.28 -1.18
CA LEU A 326 28.36 -2.83 -1.06
C LEU A 326 28.28 -2.46 -2.54
N GLY A 327 27.11 -1.98 -2.97
CA GLY A 327 26.95 -1.65 -4.37
C GLY A 327 26.58 -2.89 -5.16
N LYS A 328 26.42 -2.75 -6.48
CA LYS A 328 26.02 -3.85 -7.36
C LYS A 328 26.88 -5.12 -7.31
N ALA A 329 26.24 -6.25 -7.04
CA ALA A 329 26.94 -7.54 -6.99
C ALA A 329 27.12 -8.01 -8.43
N VAL A 330 28.37 -8.12 -8.86
CA VAL A 330 28.70 -8.53 -10.22
C VAL A 330 29.72 -9.65 -10.23
N VAL A 331 29.57 -10.57 -11.17
CA VAL A 331 30.48 -11.71 -11.28
C VAL A 331 31.23 -11.67 -12.60
N THR A 332 32.57 -11.67 -12.53
CA THR A 332 33.38 -11.68 -13.73
C THR A 332 33.53 -13.13 -14.15
N ALA A 333 33.29 -13.42 -15.43
CA ALA A 333 33.38 -14.79 -15.94
C ALA A 333 34.75 -15.41 -15.71
N VAL B 6 -32.09 19.44 35.25
CA VAL B 6 -31.55 18.76 34.04
C VAL B 6 -30.44 17.80 34.42
N LYS B 7 -30.74 16.50 34.40
CA LYS B 7 -29.76 15.48 34.73
C LYS B 7 -29.30 14.73 33.49
N ALA B 8 -28.07 14.98 33.08
CA ALA B 8 -27.50 14.34 31.91
C ALA B 8 -26.88 12.98 32.22
N LYS B 9 -27.25 11.99 31.42
CA LYS B 9 -26.71 10.64 31.58
C LYS B 9 -25.65 10.49 30.49
N SER B 10 -24.52 9.88 30.84
CA SER B 10 -23.45 9.69 29.89
C SER B 10 -22.78 8.33 30.05
N TRP B 11 -22.39 7.74 28.91
CA TRP B 11 -21.71 6.46 28.92
C TRP B 11 -20.22 6.74 28.93
N THR B 12 -19.53 6.19 29.93
CA THR B 12 -18.08 6.36 30.06
C THR B 12 -17.33 5.05 29.80
N LEU B 13 -16.05 5.16 29.50
CA LEU B 13 -15.20 3.98 29.29
C LEU B 13 -14.67 3.59 30.66
N LYS B 14 -15.23 2.52 31.24
CA LYS B 14 -14.79 2.06 32.55
C LYS B 14 -13.45 1.34 32.43
N LYS B 15 -13.32 0.52 31.39
CA LYS B 15 -12.09 -0.23 31.17
C LYS B 15 -11.78 -0.37 29.68
N HIS B 16 -10.54 -0.05 29.31
CA HIS B 16 -10.10 -0.16 27.92
C HIS B 16 -10.44 -1.54 27.37
N PHE B 17 -10.89 -1.56 26.12
CA PHE B 17 -11.27 -2.81 25.48
C PHE B 17 -10.07 -3.72 25.23
N GLN B 18 -10.29 -5.01 25.42
CA GLN B 18 -9.28 -6.03 25.16
C GLN B 18 -10.02 -7.02 24.29
N GLY B 19 -9.70 -7.03 23.00
CA GLY B 19 -10.40 -7.92 22.08
C GLY B 19 -11.79 -7.33 21.86
N LYS B 20 -12.82 -8.15 21.94
CA LYS B 20 -14.19 -7.65 21.74
C LYS B 20 -14.65 -6.83 22.95
N PRO B 21 -15.20 -5.64 22.71
CA PRO B 21 -15.64 -4.87 23.88
C PRO B 21 -16.92 -5.52 24.45
N THR B 22 -17.11 -5.45 25.77
CA THR B 22 -18.28 -6.02 26.41
C THR B 22 -19.00 -4.96 27.25
N GLN B 23 -20.21 -5.27 27.70
CA GLN B 23 -21.02 -4.35 28.50
C GLN B 23 -20.31 -3.79 29.74
N SER B 24 -19.60 -4.65 30.46
CA SER B 24 -18.90 -4.24 31.68
C SER B 24 -17.78 -3.23 31.45
N ASP B 25 -17.38 -3.03 30.20
CA ASP B 25 -16.33 -2.07 29.88
C ASP B 25 -16.85 -0.64 29.94
N PHE B 26 -18.18 -0.51 29.94
CA PHE B 26 -18.86 0.78 29.96
C PHE B 26 -19.52 1.03 31.31
N GLU B 27 -19.61 2.30 31.70
CA GLU B 27 -20.25 2.69 32.95
C GLU B 27 -21.11 3.93 32.77
N LEU B 28 -22.39 3.78 33.07
CA LEU B 28 -23.34 4.88 32.96
C LEU B 28 -23.15 5.83 34.15
N LYS B 29 -23.09 7.13 33.85
CA LYS B 29 -22.93 8.16 34.87
C LYS B 29 -24.06 9.18 34.73
N THR B 30 -24.51 9.72 35.86
CA THR B 30 -25.56 10.73 35.87
C THR B 30 -25.04 11.95 36.61
N VAL B 31 -25.16 13.13 35.99
CA VAL B 31 -24.69 14.37 36.59
C VAL B 31 -25.70 15.50 36.39
N GLU B 32 -25.89 16.32 37.42
CA GLU B 32 -26.80 17.46 37.31
C GLU B 32 -25.97 18.55 36.62
N LEU B 33 -26.48 19.06 35.51
CA LEU B 33 -25.78 20.09 34.74
C LEU B 33 -25.82 21.48 35.36
N PRO B 34 -24.72 22.24 35.24
CA PRO B 34 -24.66 23.59 35.79
C PRO B 34 -25.51 24.50 34.89
N PRO B 35 -25.83 25.72 35.36
CA PRO B 35 -26.63 26.62 34.52
C PRO B 35 -25.88 27.02 33.26
N LEU B 36 -26.60 27.48 32.25
CA LEU B 36 -26.00 27.91 31.00
C LEU B 36 -25.37 29.29 31.19
N LYS B 37 -24.20 29.50 30.58
CA LYS B 37 -23.54 30.80 30.63
C LYS B 37 -23.88 31.45 29.29
N ASN B 38 -23.72 32.76 29.21
CA ASN B 38 -24.01 33.47 27.96
C ASN B 38 -23.22 32.86 26.81
N GLY B 39 -23.90 32.68 25.68
CA GLY B 39 -23.26 32.10 24.51
C GLY B 39 -23.39 30.58 24.45
N GLU B 40 -23.93 29.98 25.50
CA GLU B 40 -24.10 28.52 25.54
C GLU B 40 -25.51 28.06 25.25
N VAL B 41 -25.64 26.77 24.97
CA VAL B 41 -26.94 26.16 24.68
C VAL B 41 -26.99 24.78 25.32
N LEU B 42 -28.20 24.35 25.65
CA LEU B 42 -28.43 23.03 26.24
C LEU B 42 -29.00 22.16 25.13
N LEU B 43 -28.28 21.11 24.79
CA LEU B 43 -28.71 20.19 23.75
C LEU B 43 -29.33 18.93 24.35
N GLU B 44 -30.34 18.40 23.66
CA GLU B 44 -31.01 17.18 24.10
C GLU B 44 -30.90 16.17 22.96
N ALA B 45 -30.16 15.09 23.21
CA ALA B 45 -29.95 14.05 22.21
C ALA B 45 -31.24 13.45 21.70
N LEU B 46 -31.32 13.27 20.38
CA LEU B 46 -32.48 12.68 19.73
C LEU B 46 -32.04 11.33 19.15
N PHE B 47 -30.98 11.35 18.35
CA PHE B 47 -30.43 10.14 17.74
C PHE B 47 -28.92 10.16 17.92
N LEU B 48 -28.39 9.06 18.46
CA LEU B 48 -26.96 8.97 18.70
C LEU B 48 -26.36 7.88 17.83
N SER B 49 -25.20 8.17 17.25
CA SER B 49 -24.53 7.21 16.40
C SER B 49 -23.46 6.38 17.11
N VAL B 50 -23.27 5.16 16.63
CA VAL B 50 -22.22 4.28 17.12
C VAL B 50 -21.45 3.98 15.84
N ASP B 51 -20.12 4.06 15.89
CA ASP B 51 -19.30 3.84 14.70
C ASP B 51 -18.05 3.02 14.98
N PRO B 52 -17.56 2.29 13.98
CA PRO B 52 -16.36 1.46 14.13
C PRO B 52 -15.13 2.20 14.65
N TYR B 53 -14.99 3.48 14.28
CA TYR B 53 -13.83 4.27 14.71
C TYR B 53 -13.72 4.42 16.22
N MET B 54 -14.85 4.34 16.92
CA MET B 54 -14.86 4.46 18.38
C MET B 54 -14.06 3.34 19.04
N ARG B 55 -13.93 2.21 18.35
CA ARG B 55 -13.19 1.05 18.86
C ARG B 55 -11.70 1.37 18.89
N ILE B 56 -11.28 2.30 18.03
CA ILE B 56 -9.87 2.69 17.97
C ILE B 56 -9.65 3.95 18.82
N ALA B 57 -10.47 4.97 18.60
CA ALA B 57 -10.36 6.23 19.33
C ALA B 57 -10.46 6.05 20.85
N SER B 58 -11.14 4.99 21.29
CA SER B 58 -11.30 4.71 22.72
C SER B 58 -9.94 4.48 23.42
N LYS B 59 -8.97 3.97 22.67
CA LYS B 59 -7.64 3.69 23.19
C LYS B 59 -6.94 4.94 23.71
N ARG B 60 -7.30 6.10 23.15
CA ARG B 60 -6.71 7.38 23.53
C ARG B 60 -7.38 8.02 24.74
N LEU B 61 -8.54 7.50 25.12
CA LEU B 61 -9.29 8.03 26.26
C LEU B 61 -8.72 7.57 27.58
N LYS B 62 -8.87 8.41 28.60
CA LYS B 62 -8.45 8.06 29.93
C LYS B 62 -9.69 7.38 30.50
N GLU B 63 -9.51 6.27 31.20
CA GLU B 63 -10.64 5.55 31.77
C GLU B 63 -11.46 6.48 32.66
N GLY B 64 -12.78 6.39 32.52
CA GLY B 64 -13.67 7.25 33.29
C GLY B 64 -14.22 8.37 32.42
N ALA B 65 -13.60 8.57 31.26
CA ALA B 65 -14.01 9.60 30.30
C ALA B 65 -15.26 9.19 29.51
N VAL B 66 -15.99 10.17 29.00
CA VAL B 66 -17.19 9.93 28.21
C VAL B 66 -16.79 9.47 26.81
N MET B 67 -17.48 8.44 26.31
CA MET B 67 -17.20 7.94 24.96
C MET B 67 -17.46 9.03 23.93
N MET B 68 -16.65 9.06 22.89
CA MET B 68 -16.78 10.06 21.83
C MET B 68 -17.81 9.67 20.79
N GLY B 69 -18.36 10.66 20.10
CA GLY B 69 -19.33 10.38 19.05
C GLY B 69 -20.21 11.55 18.65
N GLN B 70 -20.85 11.42 17.50
CA GLN B 70 -21.73 12.45 16.99
C GLN B 70 -23.19 12.04 17.22
N GLN B 71 -24.06 13.04 17.27
CA GLN B 71 -25.48 12.81 17.47
C GLN B 71 -26.29 13.95 16.89
N VAL B 72 -27.57 13.71 16.68
CA VAL B 72 -28.49 14.73 16.22
C VAL B 72 -29.18 15.12 17.51
N ALA B 73 -29.20 16.42 17.80
CA ALA B 73 -29.83 16.92 19.02
C ALA B 73 -30.68 18.16 18.79
N ARG B 74 -31.58 18.41 19.73
CA ARG B 74 -32.45 19.57 19.67
C ARG B 74 -32.03 20.55 20.76
N VAL B 75 -32.03 21.83 20.41
CA VAL B 75 -31.70 22.85 21.39
C VAL B 75 -32.93 23.06 22.26
N VAL B 76 -32.81 22.77 23.55
CA VAL B 76 -33.93 22.95 24.47
C VAL B 76 -33.85 24.21 25.32
N GLU B 77 -32.66 24.78 25.45
CA GLU B 77 -32.45 26.01 26.21
C GLU B 77 -31.30 26.73 25.51
N SER B 78 -31.45 28.03 25.27
CA SER B 78 -30.42 28.77 24.55
C SER B 78 -30.07 30.18 25.04
N LYS B 79 -28.78 30.47 25.04
CA LYS B 79 -28.25 31.78 25.41
C LYS B 79 -27.30 32.19 24.29
N ASN B 80 -27.56 31.67 23.09
CA ASN B 80 -26.78 31.92 21.89
C ASN B 80 -27.74 32.13 20.72
N SER B 81 -27.80 33.37 20.24
CA SER B 81 -28.67 33.77 19.13
C SER B 81 -28.63 32.92 17.87
N ALA B 82 -27.45 32.37 17.55
CA ALA B 82 -27.28 31.54 16.35
C ALA B 82 -27.96 30.19 16.46
N PHE B 83 -28.34 29.79 17.68
CA PHE B 83 -28.99 28.51 17.93
C PHE B 83 -30.17 28.66 18.90
N PRO B 84 -31.30 29.18 18.43
CA PRO B 84 -32.47 29.35 19.30
C PRO B 84 -33.10 28.01 19.68
N ALA B 85 -33.88 28.00 20.76
CA ALA B 85 -34.55 26.79 21.23
C ALA B 85 -35.41 26.21 20.11
N GLY B 86 -35.30 24.90 19.92
CA GLY B 86 -36.05 24.23 18.88
C GLY B 86 -35.17 23.85 17.70
N SER B 87 -33.99 24.45 17.60
CA SER B 87 -33.06 24.17 16.52
C SER B 87 -32.55 22.74 16.60
N ILE B 88 -32.30 22.13 15.44
CA ILE B 88 -31.77 20.77 15.36
C ILE B 88 -30.33 20.91 14.87
N VAL B 89 -29.40 20.28 15.59
CA VAL B 89 -28.00 20.34 15.22
C VAL B 89 -27.30 18.99 15.27
N LEU B 90 -26.14 18.94 14.63
CA LEU B 90 -25.28 17.76 14.63
C LEU B 90 -24.20 18.18 15.60
N ALA B 91 -24.02 17.42 16.67
CA ALA B 91 -23.01 17.74 17.67
C ALA B 91 -22.13 16.55 18.02
N GLN B 92 -20.85 16.84 18.23
CA GLN B 92 -19.85 15.84 18.62
C GLN B 92 -19.82 15.79 20.15
N SER B 93 -21.01 15.67 20.74
CA SER B 93 -21.15 15.68 22.19
C SER B 93 -20.83 14.39 22.93
N GLY B 94 -20.54 13.32 22.20
CA GLY B 94 -20.24 12.05 22.84
C GLY B 94 -21.50 11.34 23.28
N TRP B 95 -21.34 10.18 23.92
CA TRP B 95 -22.49 9.40 24.38
C TRP B 95 -23.13 10.02 25.62
N THR B 96 -24.01 11.00 25.40
CA THR B 96 -24.70 11.66 26.49
C THR B 96 -26.10 12.11 26.06
N THR B 97 -27.03 12.13 27.01
CA THR B 97 -28.41 12.52 26.74
C THR B 97 -28.59 14.04 26.67
N HIS B 98 -27.74 14.76 27.39
CA HIS B 98 -27.78 16.21 27.42
C HIS B 98 -26.35 16.74 27.41
N PHE B 99 -26.16 17.88 26.76
CA PHE B 99 -24.83 18.46 26.63
C PHE B 99 -24.90 19.98 26.52
N ILE B 100 -23.95 20.66 27.16
CA ILE B 100 -23.86 22.10 27.10
C ILE B 100 -22.75 22.45 26.11
N SER B 101 -23.09 23.28 25.12
CA SER B 101 -22.15 23.68 24.08
C SER B 101 -22.09 25.19 23.91
N ASP B 102 -20.92 25.72 23.56
CA ASP B 102 -20.79 27.16 23.33
C ASP B 102 -21.11 27.47 21.87
N GLY B 103 -21.56 26.45 21.14
CA GLY B 103 -21.93 26.59 19.75
C GLY B 103 -20.85 26.46 18.68
N LYS B 104 -19.59 26.52 19.07
CA LYS B 104 -18.49 26.44 18.12
C LYS B 104 -18.38 25.17 17.28
N GLY B 105 -18.63 24.02 17.88
CA GLY B 105 -18.54 22.78 17.12
C GLY B 105 -19.85 22.28 16.53
N LEU B 106 -20.93 23.01 16.76
CA LEU B 106 -22.24 22.61 16.26
C LEU B 106 -22.39 22.82 14.76
N GLU B 107 -23.14 21.91 14.13
CA GLU B 107 -23.40 21.96 12.70
C GLU B 107 -24.90 21.83 12.46
N LYS B 108 -25.46 22.73 11.67
CA LYS B 108 -26.90 22.67 11.37
C LYS B 108 -27.11 21.67 10.24
N LEU B 109 -28.24 20.97 10.24
CA LEU B 109 -28.53 20.02 9.18
C LEU B 109 -28.74 20.74 7.86
N LEU B 110 -28.53 20.02 6.76
CA LEU B 110 -28.71 20.58 5.42
C LEU B 110 -30.04 21.29 5.35
N THR B 111 -30.04 22.51 4.80
CA THR B 111 -31.26 23.28 4.66
C THR B 111 -32.15 22.52 3.68
N GLU B 112 -33.46 22.73 3.80
CA GLU B 112 -34.44 22.07 2.94
C GLU B 112 -34.52 20.56 3.21
N TRP B 113 -34.20 20.17 4.45
CA TRP B 113 -34.27 18.76 4.82
C TRP B 113 -35.74 18.35 4.76
N PRO B 114 -36.05 17.31 3.97
CA PRO B 114 -37.41 16.79 3.80
C PRO B 114 -37.96 16.05 5.01
N ASP B 115 -39.22 16.32 5.36
CA ASP B 115 -39.86 15.67 6.51
C ASP B 115 -39.90 14.15 6.34
N LYS B 116 -40.01 13.69 5.10
CA LYS B 116 -40.07 12.25 4.82
C LYS B 116 -38.80 11.47 5.15
N LEU B 117 -37.69 12.19 5.30
CA LEU B 117 -36.42 11.55 5.64
C LEU B 117 -36.12 11.69 7.13
N PRO B 118 -35.99 10.56 7.85
CA PRO B 118 -35.70 10.65 9.28
C PRO B 118 -34.39 11.37 9.55
N LEU B 119 -34.39 12.23 10.57
CA LEU B 119 -33.24 13.04 10.95
C LEU B 119 -31.97 12.24 11.16
N SER B 120 -32.11 10.99 11.58
CA SER B 120 -30.96 10.13 11.82
C SER B 120 -30.13 9.85 10.56
N LEU B 121 -30.69 10.11 9.39
CA LEU B 121 -29.94 9.92 8.14
C LEU B 121 -28.77 10.90 8.10
N ALA B 122 -28.86 11.96 8.90
CA ALA B 122 -27.80 12.97 8.98
C ALA B 122 -26.56 12.39 9.63
N LEU B 123 -26.70 11.21 10.24
CA LEU B 123 -25.60 10.50 10.89
C LEU B 123 -25.15 9.33 10.02
N GLY B 124 -25.81 9.16 8.87
CA GLY B 124 -25.47 8.04 8.01
C GLY B 124 -25.35 8.34 6.52
N THR B 125 -26.33 7.85 5.76
CA THR B 125 -26.37 8.01 4.31
C THR B 125 -26.20 9.47 3.86
N ILE B 126 -26.82 10.39 4.59
CA ILE B 126 -26.71 11.82 4.28
C ILE B 126 -25.88 12.46 5.39
N GLY B 127 -24.82 11.75 5.76
CA GLY B 127 -23.93 12.21 6.80
C GLY B 127 -22.52 11.69 6.59
N MET B 128 -21.74 11.64 7.67
CA MET B 128 -20.35 11.21 7.61
C MET B 128 -20.10 9.92 6.84
N PRO B 129 -20.86 8.83 7.14
CA PRO B 129 -20.66 7.58 6.41
C PRO B 129 -20.95 7.71 4.91
N GLY B 130 -22.00 8.45 4.56
CA GLY B 130 -22.35 8.64 3.16
C GLY B 130 -21.31 9.45 2.42
N LEU B 131 -20.70 10.40 3.12
CA LEU B 131 -19.66 11.24 2.55
C LEU B 131 -18.39 10.43 2.34
N THR B 132 -18.14 9.51 3.27
CA THR B 132 -16.98 8.64 3.19
C THR B 132 -17.07 7.79 1.91
N ALA B 133 -18.26 7.25 1.67
CA ALA B 133 -18.51 6.43 0.50
C ALA B 133 -18.35 7.26 -0.77
N TYR B 134 -18.94 8.45 -0.76
CA TYR B 134 -18.91 9.38 -1.88
C TYR B 134 -17.48 9.74 -2.29
N PHE B 135 -16.72 10.28 -1.36
CA PHE B 135 -15.34 10.68 -1.66
C PHE B 135 -14.37 9.52 -1.88
N GLY B 136 -14.54 8.44 -1.12
CA GLY B 136 -13.67 7.30 -1.29
C GLY B 136 -13.83 6.65 -2.65
N LEU B 137 -15.07 6.61 -3.14
CA LEU B 137 -15.38 6.00 -4.43
C LEU B 137 -15.06 6.94 -5.59
N LEU B 138 -15.62 8.14 -5.52
CA LEU B 138 -15.47 9.13 -6.57
C LEU B 138 -14.09 9.76 -6.68
N GLU B 139 -13.44 10.00 -5.54
CA GLU B 139 -12.11 10.61 -5.56
C GLU B 139 -10.94 9.64 -5.36
N VAL B 140 -11.04 8.75 -4.37
CA VAL B 140 -9.95 7.81 -4.13
C VAL B 140 -9.92 6.73 -5.21
N CYS B 141 -11.01 6.00 -5.41
CA CYS B 141 -11.06 5.01 -6.48
C CYS B 141 -11.13 5.78 -7.80
N GLY B 142 -11.78 6.95 -7.76
CA GLY B 142 -11.90 7.80 -8.93
C GLY B 142 -12.60 7.17 -10.13
N VAL B 143 -13.62 6.37 -9.87
CA VAL B 143 -14.37 5.71 -10.94
C VAL B 143 -15.03 6.72 -11.87
N LYS B 144 -14.99 6.44 -13.16
CA LYS B 144 -15.57 7.31 -14.18
C LYS B 144 -16.67 6.63 -14.99
N GLY B 145 -16.88 5.34 -14.74
CA GLY B 145 -17.90 4.61 -15.46
C GLY B 145 -17.36 3.37 -16.16
N GLY B 146 -18.04 2.25 -15.97
CA GLY B 146 -17.62 1.00 -16.59
C GLY B 146 -16.72 0.10 -15.78
N GLU B 147 -16.13 0.62 -14.71
CA GLU B 147 -15.25 -0.16 -13.86
C GLU B 147 -15.98 -1.21 -13.04
N THR B 148 -15.22 -2.18 -12.54
CA THR B 148 -15.77 -3.23 -11.67
C THR B 148 -15.23 -2.89 -10.28
N VAL B 149 -16.15 -2.66 -9.36
CA VAL B 149 -15.83 -2.28 -7.99
C VAL B 149 -16.21 -3.34 -6.95
N LEU B 150 -15.27 -3.63 -6.06
CA LEU B 150 -15.49 -4.59 -4.98
C LEU B 150 -15.59 -3.78 -3.68
N VAL B 151 -16.57 -4.09 -2.84
CA VAL B 151 -16.72 -3.39 -1.57
C VAL B 151 -17.06 -4.35 -0.43
N SER B 152 -16.24 -4.30 0.62
CA SER B 152 -16.42 -5.13 1.80
C SER B 152 -17.39 -4.44 2.77
N ALA B 153 -17.95 -5.19 3.71
CA ALA B 153 -18.94 -4.66 4.65
C ALA B 153 -19.98 -3.90 3.80
N ALA B 154 -20.30 -4.53 2.67
CA ALA B 154 -21.22 -3.98 1.66
C ALA B 154 -22.60 -3.55 2.13
N ALA B 155 -23.13 -4.26 3.13
CA ALA B 155 -24.46 -3.95 3.66
C ALA B 155 -24.39 -2.99 4.86
N GLY B 156 -23.19 -2.50 5.14
CA GLY B 156 -23.00 -1.55 6.24
C GLY B 156 -23.34 -0.14 5.81
N ALA B 157 -23.17 0.81 6.72
CA ALA B 157 -23.48 2.21 6.42
C ALA B 157 -22.70 2.75 5.23
N VAL B 158 -21.38 2.63 5.28
CA VAL B 158 -20.54 3.12 4.18
C VAL B 158 -20.69 2.23 2.95
N GLY B 159 -20.55 0.91 3.17
CA GLY B 159 -20.63 -0.06 2.10
C GLY B 159 -21.86 0.03 1.22
N SER B 160 -23.03 0.13 1.85
CA SER B 160 -24.29 0.20 1.12
C SER B 160 -24.35 1.42 0.20
N VAL B 161 -23.80 2.55 0.64
CA VAL B 161 -23.82 3.75 -0.18
C VAL B 161 -22.83 3.65 -1.33
N VAL B 162 -21.64 3.08 -1.06
CA VAL B 162 -20.62 2.91 -2.09
C VAL B 162 -21.18 2.11 -3.26
N GLY B 163 -21.78 0.96 -2.95
CA GLY B 163 -22.34 0.11 -3.97
C GLY B 163 -23.39 0.78 -4.82
N GLN B 164 -24.26 1.57 -4.18
CA GLN B 164 -25.31 2.26 -4.91
C GLN B 164 -24.82 3.45 -5.73
N ILE B 165 -23.78 4.14 -5.25
CA ILE B 165 -23.24 5.26 -6.01
C ILE B 165 -22.51 4.65 -7.22
N ALA B 166 -21.79 3.55 -6.98
CA ALA B 166 -21.08 2.86 -8.04
C ALA B 166 -22.04 2.50 -9.18
N LYS B 167 -23.20 1.98 -8.79
CA LYS B 167 -24.25 1.57 -9.76
C LYS B 167 -24.78 2.73 -10.58
N LEU B 168 -25.09 3.85 -9.92
CA LEU B 168 -25.61 5.01 -10.64
C LEU B 168 -24.54 5.62 -11.55
N LYS B 169 -23.28 5.37 -11.24
CA LYS B 169 -22.18 5.88 -12.05
C LYS B 169 -21.83 4.98 -13.23
N GLY B 170 -22.59 3.90 -13.38
CA GLY B 170 -22.37 2.96 -14.48
C GLY B 170 -21.30 1.91 -14.27
N CYS B 171 -21.03 1.55 -13.02
CA CYS B 171 -20.02 0.54 -12.71
C CYS B 171 -20.67 -0.79 -12.36
N LYS B 172 -19.87 -1.85 -12.40
CA LYS B 172 -20.33 -3.18 -12.00
C LYS B 172 -19.93 -3.22 -10.53
N VAL B 173 -20.79 -3.73 -9.66
CA VAL B 173 -20.46 -3.77 -8.25
C VAL B 173 -20.65 -5.12 -7.58
N VAL B 174 -19.59 -5.54 -6.88
CA VAL B 174 -19.57 -6.80 -6.16
C VAL B 174 -19.45 -6.47 -4.68
N GLY B 175 -20.32 -7.06 -3.87
CA GLY B 175 -20.28 -6.81 -2.44
C GLY B 175 -20.08 -8.07 -1.62
N ALA B 176 -19.41 -7.90 -0.48
CA ALA B 176 -19.17 -9.00 0.45
C ALA B 176 -19.71 -8.56 1.80
N ALA B 177 -20.47 -9.45 2.44
CA ALA B 177 -21.07 -9.17 3.74
C ALA B 177 -21.10 -10.44 4.58
N GLY B 178 -21.48 -10.33 5.85
CA GLY B 178 -21.46 -11.48 6.75
C GLY B 178 -22.69 -12.30 7.07
N SER B 179 -23.75 -12.19 6.27
CA SER B 179 -24.95 -12.97 6.51
C SER B 179 -25.76 -13.09 5.23
N ASP B 180 -26.53 -14.17 5.14
CA ASP B 180 -27.35 -14.40 3.96
C ASP B 180 -28.43 -13.33 3.83
N GLU B 181 -28.91 -12.83 4.96
CA GLU B 181 -29.92 -11.78 4.97
C GLU B 181 -29.37 -10.54 4.27
N LYS B 182 -28.12 -10.19 4.58
CA LYS B 182 -27.47 -9.03 3.98
C LYS B 182 -27.24 -9.27 2.49
N ILE B 183 -26.88 -10.50 2.12
CA ILE B 183 -26.65 -10.83 0.72
C ILE B 183 -27.94 -10.65 -0.08
N ALA B 184 -29.07 -11.10 0.46
CA ALA B 184 -30.35 -10.96 -0.24
C ALA B 184 -30.66 -9.47 -0.40
N TYR B 185 -30.39 -8.69 0.65
CA TYR B 185 -30.61 -7.26 0.62
C TYR B 185 -29.77 -6.57 -0.45
N LEU B 186 -28.50 -6.96 -0.56
CA LEU B 186 -27.58 -6.37 -1.52
C LEU B 186 -28.04 -6.57 -2.96
N LYS B 187 -28.63 -7.73 -3.23
CA LYS B 187 -29.13 -8.03 -4.57
C LYS B 187 -30.37 -7.18 -4.84
N GLN B 188 -31.25 -7.07 -3.84
CA GLN B 188 -32.48 -6.29 -3.99
C GLN B 188 -32.25 -4.80 -4.22
N ILE B 189 -31.12 -4.27 -3.76
CA ILE B 189 -30.84 -2.85 -3.96
C ILE B 189 -29.95 -2.54 -5.17
N GLY B 190 -29.57 -3.56 -5.94
CA GLY B 190 -28.78 -3.28 -7.12
C GLY B 190 -27.42 -3.89 -7.34
N PHE B 191 -26.81 -4.49 -6.32
CA PHE B 191 -25.49 -5.10 -6.48
C PHE B 191 -25.51 -6.20 -7.54
N ASP B 192 -24.55 -6.19 -8.45
CA ASP B 192 -24.48 -7.19 -9.51
C ASP B 192 -24.15 -8.57 -8.94
N ALA B 193 -23.36 -8.57 -7.87
CA ALA B 193 -22.97 -9.81 -7.20
C ALA B 193 -22.77 -9.51 -5.72
N ALA B 194 -23.04 -10.51 -4.90
CA ALA B 194 -22.91 -10.39 -3.46
C ALA B 194 -22.73 -11.78 -2.88
N PHE B 195 -21.79 -11.93 -1.96
CA PHE B 195 -21.55 -13.22 -1.35
C PHE B 195 -21.23 -13.08 0.14
N ASN B 196 -21.51 -14.15 0.88
CA ASN B 196 -21.27 -14.20 2.31
C ASN B 196 -19.84 -14.67 2.55
N TYR B 197 -18.95 -13.73 2.88
CA TYR B 197 -17.54 -14.04 3.11
C TYR B 197 -17.27 -15.09 4.20
N LYS B 198 -18.24 -15.30 5.09
CA LYS B 198 -18.10 -16.27 6.17
C LYS B 198 -18.42 -17.70 5.76
N THR B 199 -19.38 -17.87 4.86
CA THR B 199 -19.80 -19.19 4.43
C THR B 199 -19.32 -19.71 3.08
N VAL B 200 -18.79 -18.84 2.23
CA VAL B 200 -18.29 -19.30 0.93
C VAL B 200 -17.14 -20.27 1.15
N ASN B 201 -17.08 -21.31 0.32
CA ASN B 201 -16.03 -22.32 0.43
C ASN B 201 -14.64 -21.71 0.36
N SER B 202 -14.47 -20.76 -0.54
CA SER B 202 -13.20 -20.08 -0.72
C SER B 202 -13.44 -18.63 -1.11
N LEU B 203 -12.77 -17.73 -0.39
CA LEU B 203 -12.90 -16.30 -0.66
C LEU B 203 -12.47 -16.05 -2.09
N GLU B 204 -11.33 -16.64 -2.47
CA GLU B 204 -10.77 -16.48 -3.81
C GLU B 204 -11.73 -16.94 -4.91
N GLU B 205 -12.35 -18.11 -4.72
CA GLU B 205 -13.29 -18.63 -5.72
C GLU B 205 -14.50 -17.72 -5.86
N ALA B 206 -14.99 -17.21 -4.72
CA ALA B 206 -16.15 -16.32 -4.69
C ALA B 206 -15.86 -15.03 -5.46
N LEU B 207 -14.69 -14.44 -5.20
CA LEU B 207 -14.27 -13.20 -5.87
C LEU B 207 -14.10 -13.42 -7.37
N LYS B 208 -13.51 -14.56 -7.73
CA LYS B 208 -13.29 -14.93 -9.13
C LYS B 208 -14.61 -15.10 -9.88
N LYS B 209 -15.57 -15.76 -9.25
CA LYS B 209 -16.88 -15.98 -9.87
C LYS B 209 -17.64 -14.66 -10.06
N ALA B 210 -17.54 -13.78 -9.07
CA ALA B 210 -18.20 -12.48 -9.13
C ALA B 210 -17.66 -11.57 -10.24
N SER B 211 -16.38 -11.76 -10.57
CA SER B 211 -15.73 -10.98 -11.62
C SER B 211 -14.53 -11.73 -12.15
N PRO B 212 -14.74 -12.58 -13.18
CA PRO B 212 -13.68 -13.37 -13.81
C PRO B 212 -12.46 -12.56 -14.25
N ASP B 213 -12.68 -11.33 -14.71
CA ASP B 213 -11.56 -10.49 -15.17
C ASP B 213 -10.94 -9.56 -14.12
N GLY B 214 -11.27 -9.79 -12.85
CA GLY B 214 -10.68 -8.97 -11.79
C GLY B 214 -11.42 -7.72 -11.37
N TYR B 215 -10.75 -6.90 -10.56
CA TYR B 215 -11.33 -5.67 -10.04
C TYR B 215 -10.49 -4.42 -10.30
N ASP B 216 -11.16 -3.35 -10.72
CA ASP B 216 -10.48 -2.07 -10.98
C ASP B 216 -10.22 -1.32 -9.69
N CYS B 217 -11.16 -1.44 -8.76
CA CYS B 217 -11.06 -0.74 -7.50
C CYS B 217 -11.69 -1.50 -6.35
N TYR B 218 -10.95 -1.63 -5.26
CA TYR B 218 -11.46 -2.30 -4.07
C TYR B 218 -11.64 -1.26 -2.97
N PHE B 219 -12.89 -1.06 -2.56
CA PHE B 219 -13.21 -0.14 -1.48
C PHE B 219 -13.12 -0.98 -0.21
N ASP B 220 -11.99 -0.84 0.47
CA ASP B 220 -11.69 -1.61 1.67
C ASP B 220 -12.21 -1.06 2.99
N ASN B 221 -13.18 -1.77 3.57
CA ASN B 221 -13.76 -1.42 4.86
C ASN B 221 -13.32 -2.40 5.95
N VAL B 222 -12.68 -3.51 5.55
CA VAL B 222 -12.29 -4.54 6.51
C VAL B 222 -10.82 -4.87 6.73
N GLY B 223 -10.01 -4.72 5.70
CA GLY B 223 -8.58 -5.02 5.81
C GLY B 223 -8.27 -6.46 6.15
N GLY B 224 -7.17 -6.66 6.87
CA GLY B 224 -6.77 -8.00 7.28
C GLY B 224 -6.57 -9.03 6.18
N GLU B 225 -6.94 -10.27 6.50
CA GLU B 225 -6.81 -11.41 5.59
C GLU B 225 -7.65 -11.24 4.33
N PHE B 226 -8.80 -10.61 4.47
CA PHE B 226 -9.70 -10.37 3.34
C PHE B 226 -8.99 -9.51 2.29
N LEU B 227 -8.37 -8.42 2.75
CA LEU B 227 -7.64 -7.52 1.88
C LEU B 227 -6.52 -8.28 1.17
N ASN B 228 -5.77 -9.09 1.93
CA ASN B 228 -4.67 -9.87 1.37
C ASN B 228 -5.13 -10.71 0.19
N THR B 229 -6.27 -11.39 0.36
CA THR B 229 -6.83 -12.24 -0.69
C THR B 229 -7.26 -11.42 -1.91
N VAL B 230 -7.85 -10.25 -1.67
CA VAL B 230 -8.31 -9.38 -2.74
C VAL B 230 -7.21 -8.93 -3.70
N LEU B 231 -6.02 -8.69 -3.17
CA LEU B 231 -4.90 -8.21 -4.00
C LEU B 231 -4.61 -9.09 -5.21
N SER B 232 -4.77 -10.39 -5.07
CA SER B 232 -4.52 -11.32 -6.16
C SER B 232 -5.55 -11.22 -7.29
N GLN B 233 -6.70 -10.63 -6.99
CA GLN B 233 -7.77 -10.49 -7.97
C GLN B 233 -7.89 -9.09 -8.58
N MET B 234 -6.99 -8.20 -8.19
CA MET B 234 -7.00 -6.84 -8.72
C MET B 234 -6.42 -6.81 -10.12
N LYS B 235 -6.96 -5.94 -10.97
CA LYS B 235 -6.44 -5.80 -12.32
C LYS B 235 -5.13 -5.01 -12.16
N ASP B 236 -4.25 -5.08 -13.17
CA ASP B 236 -2.99 -4.35 -13.11
C ASP B 236 -3.28 -2.87 -12.92
N PHE B 237 -2.45 -2.19 -12.15
CA PHE B 237 -2.61 -0.75 -11.86
C PHE B 237 -3.89 -0.46 -11.07
N GLY B 238 -4.51 -1.51 -10.54
CA GLY B 238 -5.73 -1.38 -9.77
C GLY B 238 -5.57 -0.52 -8.53
N LYS B 239 -6.66 0.11 -8.11
CA LYS B 239 -6.65 1.00 -6.95
C LYS B 239 -7.41 0.43 -5.75
N ILE B 240 -6.80 0.52 -4.57
CA ILE B 240 -7.44 0.06 -3.34
C ILE B 240 -7.65 1.28 -2.44
N ALA B 241 -8.90 1.55 -2.09
CA ALA B 241 -9.22 2.66 -1.21
C ALA B 241 -9.31 2.14 0.21
N ILE B 242 -8.30 2.44 1.01
CA ILE B 242 -8.27 1.99 2.40
C ILE B 242 -9.12 2.94 3.23
N CYS B 243 -10.39 2.57 3.39
CA CYS B 243 -11.36 3.34 4.17
C CYS B 243 -11.32 2.92 5.64
N GLY B 244 -11.25 1.60 5.86
CA GLY B 244 -11.18 1.06 7.20
C GLY B 244 -10.58 -0.33 7.20
N ALA B 245 -10.45 -0.92 8.38
CA ALA B 245 -9.88 -2.25 8.53
C ALA B 245 -10.47 -2.88 9.78
N ILE B 246 -11.80 -2.89 9.84
CA ILE B 246 -12.51 -3.40 11.00
C ILE B 246 -12.14 -4.82 11.45
N SER B 247 -11.64 -5.65 10.54
CA SER B 247 -11.25 -7.02 10.89
C SER B 247 -10.06 -7.09 11.86
N VAL B 248 -9.37 -5.97 12.05
CA VAL B 248 -8.23 -5.93 12.96
C VAL B 248 -8.43 -4.96 14.15
N TYR B 249 -9.58 -4.29 14.21
CA TYR B 249 -9.82 -3.33 15.29
C TYR B 249 -9.76 -3.93 16.70
N ASN B 250 -10.08 -5.23 16.83
CA ASN B 250 -10.02 -5.89 18.13
C ASN B 250 -8.63 -6.50 18.40
N ARG B 251 -7.74 -6.43 17.42
CA ARG B 251 -6.39 -6.98 17.57
C ARG B 251 -5.30 -6.10 16.95
N MET B 252 -5.35 -4.79 17.25
CA MET B 252 -4.37 -3.85 16.74
C MET B 252 -2.95 -4.13 17.21
N ASP B 253 -2.82 -4.80 18.35
CA ASP B 253 -1.50 -5.11 18.91
C ASP B 253 -0.88 -6.37 18.35
N GLN B 254 -1.70 -7.19 17.69
CA GLN B 254 -1.24 -8.44 17.09
C GLN B 254 -1.88 -8.58 15.73
N LEU B 255 -1.37 -7.82 14.76
CA LEU B 255 -1.90 -7.83 13.40
C LEU B 255 -1.61 -9.13 12.67
N PRO B 256 -2.55 -9.56 11.81
CA PRO B 256 -2.43 -10.79 11.02
C PRO B 256 -1.34 -10.61 9.95
N PRO B 257 -0.92 -11.70 9.30
CA PRO B 257 0.12 -11.63 8.26
C PRO B 257 -0.16 -10.52 7.26
N GLY B 258 0.89 -9.81 6.85
CA GLY B 258 0.76 -8.71 5.92
C GLY B 258 0.46 -9.09 4.48
N PRO B 259 0.22 -8.11 3.61
CA PRO B 259 -0.08 -8.33 2.20
C PRO B 259 1.15 -8.82 1.43
N SER B 260 0.90 -9.61 0.39
CA SER B 260 1.98 -10.15 -0.42
C SER B 260 2.63 -9.08 -1.28
N PRO B 261 3.96 -8.94 -1.18
CA PRO B 261 4.69 -7.94 -1.98
C PRO B 261 4.56 -8.29 -3.46
N GLU B 262 4.49 -9.59 -3.75
CA GLU B 262 4.34 -10.09 -5.12
C GLU B 262 3.19 -9.42 -5.85
N SER B 263 2.01 -9.46 -5.24
CA SER B 263 0.82 -8.86 -5.84
C SER B 263 0.98 -7.34 -6.05
N ILE B 264 1.33 -6.63 -4.99
CA ILE B 264 1.50 -5.18 -5.04
C ILE B 264 2.50 -4.74 -6.11
N ILE B 265 3.64 -5.42 -6.16
CA ILE B 265 4.69 -5.10 -7.12
C ILE B 265 4.39 -5.54 -8.55
N TYR B 266 4.13 -6.83 -8.75
CA TYR B 266 3.86 -7.34 -10.09
C TYR B 266 2.61 -6.77 -10.75
N LYS B 267 1.58 -6.49 -9.96
CA LYS B 267 0.34 -5.92 -10.50
C LYS B 267 0.42 -4.39 -10.44
N GLN B 268 1.45 -3.87 -9.79
CA GLN B 268 1.66 -2.43 -9.65
C GLN B 268 0.41 -1.75 -9.11
N LEU B 269 -0.03 -2.20 -7.93
CA LEU B 269 -1.22 -1.68 -7.29
C LEU B 269 -1.02 -0.36 -6.55
N ARG B 270 -2.07 0.44 -6.53
CA ARG B 270 -2.07 1.73 -5.86
C ARG B 270 -3.00 1.64 -4.65
N ILE B 271 -2.40 1.68 -3.46
CA ILE B 271 -3.15 1.61 -2.21
C ILE B 271 -3.14 2.99 -1.57
N GLU B 272 -4.31 3.50 -1.21
CA GLU B 272 -4.38 4.82 -0.59
C GLU B 272 -5.37 4.94 0.56
N GLY B 273 -4.86 5.41 1.70
CA GLY B 273 -5.73 5.61 2.86
C GLY B 273 -6.34 6.99 2.77
N PHE B 274 -7.52 7.17 3.37
CA PHE B 274 -8.17 8.47 3.35
C PHE B 274 -9.11 8.65 4.55
N ILE B 275 -9.44 9.90 4.85
CA ILE B 275 -10.37 10.23 5.92
C ILE B 275 -11.37 11.25 5.36
N VAL B 276 -12.64 11.07 5.68
CA VAL B 276 -13.72 11.96 5.19
C VAL B 276 -13.41 13.43 5.35
N TYR B 277 -12.79 13.76 6.46
CA TYR B 277 -12.47 15.15 6.80
C TYR B 277 -11.56 15.90 5.82
N ARG B 278 -10.95 15.16 4.88
CA ARG B 278 -10.08 15.79 3.87
C ARG B 278 -10.90 16.75 3.01
N TRP B 279 -12.16 16.40 2.76
CA TRP B 279 -13.05 17.22 1.94
C TRP B 279 -13.94 18.10 2.82
N GLN B 280 -13.79 19.42 2.66
CA GLN B 280 -14.54 20.39 3.45
C GLN B 280 -15.14 21.50 2.57
N GLY B 281 -15.79 22.46 3.23
CA GLY B 281 -16.37 23.60 2.53
C GLY B 281 -17.46 23.29 1.53
N ASP B 282 -17.42 24.02 0.41
CA ASP B 282 -18.41 23.87 -0.66
C ASP B 282 -18.47 22.49 -1.28
N VAL B 283 -17.32 21.86 -1.48
CA VAL B 283 -17.28 20.52 -2.07
C VAL B 283 -18.02 19.52 -1.18
N ARG B 284 -17.83 19.66 0.13
CA ARG B 284 -18.47 18.80 1.11
C ARG B 284 -19.97 19.04 1.10
N GLU B 285 -20.36 20.30 1.03
CA GLU B 285 -21.77 20.68 1.01
C GLU B 285 -22.43 20.15 -0.26
N LYS B 286 -21.72 20.23 -1.37
CA LYS B 286 -22.22 19.76 -2.66
C LYS B 286 -22.44 18.25 -2.61
N ALA B 287 -21.51 17.53 -1.98
CA ALA B 287 -21.60 16.09 -1.84
C ALA B 287 -22.85 15.73 -1.05
N LEU B 288 -23.09 16.46 0.04
CA LEU B 288 -24.27 16.22 0.86
C LEU B 288 -25.54 16.40 0.02
N ARG B 289 -25.52 17.43 -0.83
CA ARG B 289 -26.65 17.73 -1.71
C ARG B 289 -26.90 16.57 -2.67
N ASP B 290 -25.83 16.06 -3.26
CA ASP B 290 -25.93 14.94 -4.20
C ASP B 290 -26.54 13.71 -3.50
N LEU B 291 -26.00 13.39 -2.34
CA LEU B 291 -26.47 12.25 -1.55
C LEU B 291 -27.96 12.43 -1.26
N MET B 292 -28.33 13.62 -0.81
CA MET B 292 -29.73 13.95 -0.51
C MET B 292 -30.61 13.71 -1.74
N LYS B 293 -30.19 14.25 -2.88
CA LYS B 293 -30.93 14.11 -4.12
C LYS B 293 -31.07 12.65 -4.53
N TRP B 294 -29.96 11.92 -4.49
CA TRP B 294 -29.98 10.51 -4.87
C TRP B 294 -30.92 9.68 -4.01
N VAL B 295 -31.04 10.05 -2.73
CA VAL B 295 -31.94 9.35 -1.82
C VAL B 295 -33.39 9.69 -2.21
N LEU B 296 -33.63 10.96 -2.49
CA LEU B 296 -34.96 11.43 -2.89
C LEU B 296 -35.39 10.86 -4.24
N GLU B 297 -34.44 10.63 -5.13
CA GLU B 297 -34.73 10.08 -6.45
C GLU B 297 -34.88 8.55 -6.40
N GLY B 298 -34.47 7.97 -5.27
CA GLY B 298 -34.57 6.53 -5.12
C GLY B 298 -33.34 5.75 -5.59
N LYS B 299 -32.31 6.47 -6.04
CA LYS B 299 -31.08 5.84 -6.50
C LYS B 299 -30.31 5.24 -5.33
N ILE B 300 -30.43 5.89 -4.18
CA ILE B 300 -29.77 5.39 -2.98
C ILE B 300 -30.84 5.04 -1.94
N GLN B 301 -31.15 3.76 -1.86
CA GLN B 301 -32.12 3.27 -0.92
C GLN B 301 -31.38 3.18 0.40
N TYR B 302 -32.11 3.19 1.51
CA TYR B 302 -31.46 3.13 2.81
C TYR B 302 -32.22 2.29 3.80
N HIS B 303 -31.52 1.85 4.82
CA HIS B 303 -32.08 1.09 5.91
C HIS B 303 -31.26 1.40 7.14
N GLU B 304 -31.94 1.68 8.24
CA GLU B 304 -31.27 1.98 9.50
C GLU B 304 -31.49 0.86 10.50
N HIS B 305 -30.43 0.51 11.21
CA HIS B 305 -30.50 -0.53 12.23
C HIS B 305 -30.67 0.22 13.55
N VAL B 306 -31.92 0.44 13.93
CA VAL B 306 -32.24 1.19 15.12
C VAL B 306 -32.29 0.43 16.44
N THR B 307 -31.59 0.95 17.43
CA THR B 307 -31.59 0.38 18.78
C THR B 307 -32.31 1.43 19.64
N LYS B 308 -33.35 1.00 20.34
CA LYS B 308 -34.13 1.90 21.19
C LYS B 308 -33.58 2.09 22.60
N GLY B 309 -33.51 3.35 23.02
CA GLY B 309 -33.04 3.67 24.36
C GLY B 309 -31.55 3.92 24.53
N PHE B 310 -31.23 5.03 25.20
CA PHE B 310 -29.85 5.43 25.48
C PHE B 310 -29.12 4.39 26.33
N GLU B 311 -29.86 3.77 27.24
CA GLU B 311 -29.32 2.75 28.14
C GLU B 311 -28.76 1.56 27.35
N ASN B 312 -29.17 1.46 26.09
CA ASN B 312 -28.75 0.36 25.23
C ASN B 312 -27.69 0.75 24.20
N MET B 313 -27.04 1.89 24.40
CA MET B 313 -26.02 2.36 23.47
C MET B 313 -24.80 1.44 23.37
N PRO B 314 -24.26 0.96 24.51
CA PRO B 314 -23.09 0.07 24.42
C PRO B 314 -23.42 -1.18 23.61
N ALA B 315 -24.60 -1.76 23.86
CA ALA B 315 -25.03 -2.96 23.15
C ALA B 315 -25.09 -2.69 21.64
N ALA B 316 -25.58 -1.52 21.27
CA ALA B 316 -25.69 -1.14 19.85
C ALA B 316 -24.30 -1.08 19.22
N PHE B 317 -23.35 -0.54 19.96
CA PHE B 317 -21.96 -0.42 19.52
C PHE B 317 -21.30 -1.80 19.41
N ILE B 318 -21.48 -2.61 20.45
CA ILE B 318 -20.92 -3.97 20.49
C ILE B 318 -21.43 -4.85 19.35
N GLU B 319 -22.74 -4.84 19.14
CA GLU B 319 -23.36 -5.64 18.10
C GLU B 319 -23.00 -5.20 16.68
N MET B 320 -22.90 -3.88 16.49
CA MET B 320 -22.53 -3.32 15.20
C MET B 320 -21.14 -3.82 14.83
N LEU B 321 -20.22 -3.80 15.79
CA LEU B 321 -18.87 -4.27 15.55
C LEU B 321 -18.91 -5.77 15.23
N ASN B 322 -19.88 -6.46 15.83
CA ASN B 322 -20.03 -7.89 15.61
C ASN B 322 -20.83 -8.20 14.33
N GLY B 323 -21.35 -7.17 13.67
CA GLY B 323 -22.09 -7.37 12.43
C GLY B 323 -23.60 -7.60 12.49
N ALA B 324 -24.23 -7.19 13.58
CA ALA B 324 -25.67 -7.37 13.71
C ALA B 324 -26.47 -6.40 12.83
N ASN B 325 -25.87 -5.24 12.57
CA ASN B 325 -26.51 -4.19 11.79
C ASN B 325 -26.55 -4.33 10.28
N LEU B 326 -27.72 -4.04 9.72
CA LEU B 326 -27.91 -4.01 8.28
C LEU B 326 -28.19 -2.51 8.13
N GLY B 327 -27.24 -1.80 7.53
CA GLY B 327 -27.38 -0.35 7.39
C GLY B 327 -26.81 0.33 8.62
N LYS B 328 -26.93 1.66 8.67
CA LYS B 328 -26.41 2.46 9.78
C LYS B 328 -26.95 2.13 11.16
N ALA B 329 -26.05 1.85 12.10
CA ALA B 329 -26.46 1.57 13.48
C ALA B 329 -26.80 2.91 14.13
N VAL B 330 -28.03 3.05 14.59
CA VAL B 330 -28.51 4.28 15.21
C VAL B 330 -29.25 4.02 16.52
N VAL B 331 -28.97 4.84 17.54
CA VAL B 331 -29.62 4.71 18.83
C VAL B 331 -30.57 5.88 19.09
N THR B 332 -31.83 5.59 19.41
CA THR B 332 -32.80 6.63 19.73
C THR B 332 -32.69 6.87 21.23
N ALA B 333 -32.58 8.14 21.63
CA ALA B 333 -32.45 8.53 23.04
C ALA B 333 -33.49 7.90 23.97
CL CL C . 27.48 -13.24 3.62
CL CL D . 13.08 -21.81 -5.47
CL CL E . 10.90 -20.48 1.02
PA NAP F . 21.06 -4.90 -3.41
O1A NAP F . 22.26 -4.60 -4.10
O2A NAP F . 20.32 -3.97 -2.51
O5B NAP F . 21.29 -6.23 -2.55
C5B NAP F . 20.23 -6.72 -1.68
C4B NAP F . 20.56 -6.02 -0.32
O4B NAP F . 19.36 -6.24 0.53
C3B NAP F . 21.62 -6.76 0.53
O3B NAP F . 22.88 -6.21 0.16
C2B NAP F . 21.24 -6.39 1.96
O2B NAP F . 21.81 -5.19 2.47
C1B NAP F . 19.69 -6.16 1.89
N9A NAP F . 19.03 -7.16 2.70
C8A NAP F . 19.10 -8.53 2.68
N7A NAP F . 18.34 -9.13 3.57
C5A NAP F . 17.73 -8.07 4.22
C6A NAP F . 16.80 -8.08 5.27
N6A NAP F . 16.29 -9.17 5.89
N1A NAP F . 16.35 -6.86 5.73
C2A NAP F . 16.81 -5.67 5.15
N3A NAP F . 17.72 -5.63 4.12
C4A NAP F . 18.15 -6.86 3.68
O3 NAP F . 19.98 -5.39 -4.47
PN NAP F . 19.21 -4.57 -5.59
O1N NAP F . 19.60 -3.15 -5.48
O2N NAP F . 19.40 -5.26 -6.87
O5D NAP F . 17.71 -4.69 -5.12
C5D NAP F . 17.21 -3.88 -4.00
C4D NAP F . 15.72 -4.12 -3.88
O4D NAP F . 15.09 -3.68 -5.10
C3D NAP F . 15.30 -5.62 -3.74
O3D NAP F . 14.19 -5.75 -2.84
C2D NAP F . 14.88 -5.98 -5.16
O2D NAP F . 13.96 -7.05 -5.18
C1D NAP F . 14.20 -4.73 -5.55
N1N NAP F . 14.05 -4.48 -6.98
C2N NAP F . 12.83 -4.18 -7.57
C3N NAP F . 12.77 -3.95 -8.91
C7N NAP F . 11.43 -3.61 -9.54
O7N NAP F . 11.42 -3.44 -10.73
N7N NAP F . 10.35 -3.54 -8.81
C4N NAP F . 13.96 -4.03 -9.75
C5N NAP F . 15.18 -4.33 -9.12
C6N NAP F . 15.25 -4.56 -7.73
P2B NAP F . 22.21 -5.09 4.02
O1X NAP F . 23.43 -4.40 4.60
O2X NAP F . 20.99 -5.38 4.84
O3X NAP F . 21.77 -3.66 3.81
C3 5OP G . 11.64 -7.15 -12.08
C4 5OP G . 12.25 -7.23 -10.71
C5 5OP G . 11.56 -7.29 -9.55
C6 5OP G . 12.26 -7.37 -8.25
C7 5OP G . 11.41 -7.43 -6.96
C8 5OP G . 10.49 -8.64 -6.93
C9 5OP G . 9.65 -8.69 -5.65
C13 5OP G . 8.71 -9.89 -5.58
C14 5OP G . 7.89 -9.90 -4.30
O4 5OP G . 13.44 -7.37 -8.21
CL CL H . -9.98 1.01 24.52
CL CL I . -24.16 -9.45 17.75
CL CL J . -7.28 -4.91 22.05
PA NAP K . -20.88 -0.63 9.28
O1A NAP K . -22.21 -0.21 9.32
O2A NAP K . -20.19 -1.24 8.09
O5B NAP K . -20.66 -1.70 10.48
C5B NAP K . -19.40 -2.39 10.62
C4B NAP K . -19.65 -3.72 9.82
O4B NAP K . -18.30 -4.30 9.67
C3B NAP K . -20.32 -4.85 10.63
O3B NAP K . -21.72 -4.69 10.40
C2B NAP K . -19.81 -6.11 9.93
O2B NAP K . -20.57 -6.48 8.79
C1B NAP K . -18.39 -5.69 9.43
N9A NAP K . -17.39 -6.44 10.16
C8A NAP K . -17.13 -6.51 11.50
N7A NAP K . -16.14 -7.29 11.83
C5A NAP K . -15.71 -7.76 10.60
C6A NAP K . -14.67 -8.64 10.33
N6A NAP K . -13.83 -9.24 11.21
N1A NAP K . -14.46 -8.94 8.99
C2A NAP K . -15.26 -8.38 7.99
N3A NAP K . -16.29 -7.52 8.25
C4A NAP K . -16.47 -7.23 9.57
O3 NAP K . -19.92 0.58 9.71
PN NAP K . -19.49 1.89 8.90
O1N NAP K . -20.13 1.85 7.58
O2N NAP K . -19.71 3.07 9.76
O5D NAP K . -17.94 1.70 8.65
C5D NAP K . -17.43 0.80 7.62
C4D NAP K . -15.92 0.94 7.62
O4D NAP K . -15.57 2.27 7.21
C3D NAP K . -15.22 0.75 9.02
O3D NAP K . -13.99 0.02 8.88
C2D NAP K . -14.96 2.18 9.46
O2D NAP K . -13.86 2.27 10.34
C1D NAP K . -14.59 2.81 8.16
N1N NAP K . -14.77 4.26 8.06
C2N NAP K . -13.75 5.11 7.61
C3N NAP K . -14.00 6.45 7.53
C7N NAP K . -12.86 7.34 7.04
O7N NAP K . -13.09 8.55 6.99
N7N NAP K . -11.72 6.83 6.71
C4N NAP K . -15.28 7.02 7.91
C5N NAP K . -16.28 6.13 8.36
C6N NAP K . -16.05 4.74 8.43
P2B NAP K . -20.63 -8.00 8.16
O1X NAP K . -20.56 -7.81 6.65
O2X NAP K . -19.42 -8.62 8.75
O3X NAP K . -21.95 -8.59 8.58
C3 5OP L . -13.00 9.28 11.02
C4 5OP L . -13.24 7.80 10.92
C5 5OP L . -12.27 6.89 10.72
C6 5OP L . -12.60 5.44 10.64
C7 5OP L . -11.47 4.44 10.42
C8 5OP L . -10.43 4.49 11.53
C9 5OP L . -9.32 3.45 11.29
C13 5OP L . -8.26 3.46 12.39
C14 5OP L . -7.17 2.43 12.13
O4 5OP L . -13.73 5.09 10.76
#